data_3BI2
#
_entry.id   3BI2
#
_cell.length_a   102.205
_cell.length_b   215.323
_cell.length_c   116.586
_cell.angle_alpha   90.000
_cell.angle_beta   90.000
_cell.angle_gamma   90.000
#
_symmetry.space_group_name_H-M   'C 2 2 21'
#
loop_
_entity.id
_entity.type
_entity.pdbx_description
1 polymer 'Polyamine oxidase FMS1'
2 non-polymer 'FLAVIN-ADENINE DINUCLEOTIDE'
3 non-polymer dodecane-1,12-diamine
4 water water
#
_entity_poly.entity_id   1
_entity_poly.type   'polypeptide(L)'
_entity_poly.pdbx_seq_one_letter_code
;MNTVSPAKKKVIIIGAGIAGLKAASTLHQNGIQDCLVLEARDRVGGRLQTVTGYQGRKYDIGASWHHDTLTNPLFLEEAQ
LSLNDGRTRFVFDDDNFIYIDEERGRVDHDKELLLEIVDNEMSKFAELEFHQHLGVSDCSFFQLVMKYLLQRRQFLTNDQ
IRYLPQLCRYLELWHGLDWKLLSAKDTYFGHQGRNAFALNYDSVVQRIAQSFPQNWLKLSCEVKSITREPSKNVTVNCED
GTVYNADYVIITVPQSVLNLSVQPEKNLRGRIEFQPPLKPVIQDAFDKIHFGALGKVIFEFEECCWSNESSKIVTLANST
NEFVEIVRNAENLDELDSMLEREDSQKHTSVTCWSQPLFFVNLSKSTGVASFMMLMQAPLTNHIESIREDKERLFSFFQP
VLNKIMKCLDSEDVIDGMRPIENIANANKPVLRNIIVSNWTRDPYSRGAYSACFPGDDPVDMVVAMSNGQDSRIRFAGEH
TIMDGAGCAYGAWESGRREATRISDLLKLEHHHHHH
;
_entity_poly.pdbx_strand_id   A,B
#
# COMPACT_ATOMS: atom_id res chain seq x y z
N SER A 5 40.55 -41.90 -13.89
CA SER A 5 41.62 -40.89 -14.20
C SER A 5 41.24 -39.47 -13.76
N PRO A 6 39.95 -39.09 -13.89
CA PRO A 6 39.52 -37.75 -13.49
C PRO A 6 39.47 -37.54 -11.98
N ALA A 7 40.06 -36.44 -11.50
CA ALA A 7 40.10 -36.10 -10.08
C ALA A 7 38.73 -36.16 -9.43
N LYS A 8 38.64 -36.84 -8.29
CA LYS A 8 37.40 -36.99 -7.56
C LYS A 8 37.07 -35.80 -6.66
N LYS A 9 35.80 -35.41 -6.69
CA LYS A 9 35.30 -34.30 -5.89
C LYS A 9 33.93 -34.68 -5.36
N LYS A 10 33.62 -34.25 -4.15
CA LYS A 10 32.33 -34.55 -3.55
C LYS A 10 31.20 -33.73 -4.20
N VAL A 11 31.48 -32.47 -4.47
CA VAL A 11 30.50 -31.58 -5.08
C VAL A 11 31.13 -30.52 -5.95
N ILE A 12 30.64 -30.40 -7.18
CA ILE A 12 31.14 -29.39 -8.09
C ILE A 12 30.08 -28.32 -8.34
N ILE A 13 30.45 -27.07 -8.10
CA ILE A 13 29.54 -25.93 -8.27
C ILE A 13 29.94 -25.11 -9.49
N ILE A 14 29.01 -24.95 -10.43
CA ILE A 14 29.26 -24.16 -11.64
C ILE A 14 28.73 -22.73 -11.41
N GLY A 15 29.63 -21.75 -11.46
CA GLY A 15 29.25 -20.37 -11.25
C GLY A 15 29.63 -19.84 -9.88
N ALA A 16 30.41 -18.75 -9.86
CA ALA A 16 30.85 -18.14 -8.62
C ALA A 16 30.05 -16.88 -8.34
N GLY A 17 28.75 -16.95 -8.63
CA GLY A 17 27.86 -15.84 -8.36
C GLY A 17 27.50 -16.01 -6.90
N ILE A 18 26.62 -15.18 -6.36
CA ILE A 18 26.29 -15.32 -4.95
C ILE A 18 25.62 -16.65 -4.61
N ALA A 19 24.97 -17.28 -5.57
CA ALA A 19 24.30 -18.56 -5.30
C ALA A 19 25.32 -19.69 -5.13
N GLY A 20 26.29 -19.74 -6.03
CA GLY A 20 27.32 -20.77 -5.94
C GLY A 20 28.23 -20.50 -4.76
N LEU A 21 28.54 -19.23 -4.53
CA LEU A 21 29.40 -18.87 -3.40
C LEU A 21 28.72 -19.28 -2.11
N LYS A 22 27.43 -19.01 -1.97
CA LYS A 22 26.75 -19.39 -0.75
C LYS A 22 26.65 -20.91 -0.64
N ALA A 23 26.41 -21.58 -1.76
CA ALA A 23 26.31 -23.04 -1.74
C ALA A 23 27.59 -23.65 -1.16
N ALA A 24 28.75 -23.20 -1.64
CA ALA A 24 30.03 -23.71 -1.18
C ALA A 24 30.24 -23.44 0.30
N SER A 25 29.95 -22.21 0.71
CA SER A 25 30.07 -21.80 2.10
C SER A 25 29.29 -22.70 3.04
N THR A 26 28.11 -23.13 2.59
CA THR A 26 27.27 -23.98 3.40
C THR A 26 27.80 -25.41 3.41
N LEU A 27 28.49 -25.79 2.35
CA LEU A 27 29.07 -27.13 2.29
C LEU A 27 30.22 -27.20 3.29
N HIS A 28 31.15 -26.26 3.19
CA HIS A 28 32.29 -26.22 4.11
C HIS A 28 31.76 -26.17 5.53
N GLN A 29 30.83 -25.24 5.77
CA GLN A 29 30.23 -25.07 7.07
C GLN A 29 29.67 -26.40 7.58
N ASN A 30 29.23 -27.27 6.69
CA ASN A 30 28.67 -28.57 7.07
C ASN A 30 29.72 -29.67 7.13
N GLY A 31 30.98 -29.29 6.99
CA GLY A 31 32.06 -30.26 7.08
C GLY A 31 32.47 -30.98 5.81
N ILE A 32 31.76 -30.74 4.71
CA ILE A 32 32.09 -31.39 3.46
C ILE A 32 33.47 -30.95 2.98
N GLN A 33 34.14 -31.82 2.22
CA GLN A 33 35.48 -31.53 1.71
C GLN A 33 35.62 -31.89 0.23
N ASP A 34 36.73 -31.49 -0.37
CA ASP A 34 37.00 -31.76 -1.79
C ASP A 34 35.87 -31.26 -2.67
N CYS A 35 35.77 -29.94 -2.77
CA CYS A 35 34.75 -29.33 -3.59
C CYS A 35 35.37 -28.33 -4.54
N LEU A 36 34.63 -28.01 -5.60
CA LEU A 36 35.12 -27.08 -6.60
C LEU A 36 34.05 -26.07 -7.03
N VAL A 37 34.47 -24.85 -7.29
CA VAL A 37 33.58 -23.80 -7.77
C VAL A 37 34.18 -23.32 -9.09
N LEU A 38 33.57 -23.73 -10.20
CA LEU A 38 34.09 -23.34 -11.51
C LEU A 38 33.40 -22.09 -12.04
N GLU A 39 34.18 -21.05 -12.29
CA GLU A 39 33.67 -19.77 -12.77
C GLU A 39 34.32 -19.37 -14.11
N ALA A 40 33.48 -19.00 -15.08
CA ALA A 40 33.94 -18.60 -16.39
C ALA A 40 34.66 -17.25 -16.43
N ARG A 41 34.17 -16.27 -15.67
CA ARG A 41 34.79 -14.94 -15.63
C ARG A 41 36.11 -15.00 -14.86
N ASP A 42 36.83 -13.88 -14.82
CA ASP A 42 38.09 -13.82 -14.09
C ASP A 42 37.84 -13.18 -12.72
N ARG A 43 36.60 -13.29 -12.23
CA ARG A 43 36.25 -12.71 -10.93
C ARG A 43 35.06 -13.45 -10.34
N VAL A 44 34.82 -13.27 -9.05
CA VAL A 44 33.68 -13.92 -8.39
C VAL A 44 32.59 -12.85 -8.25
N GLY A 45 31.37 -13.26 -7.89
CA GLY A 45 30.29 -12.30 -7.72
C GLY A 45 29.24 -12.26 -8.83
N GLY A 46 29.63 -12.57 -10.05
CA GLY A 46 28.67 -12.57 -11.14
C GLY A 46 27.94 -11.26 -11.30
N ARG A 47 26.62 -11.30 -11.17
CA ARG A 47 25.81 -10.09 -11.31
C ARG A 47 25.98 -9.15 -10.13
N LEU A 48 26.88 -9.50 -9.22
CA LEU A 48 27.22 -8.63 -8.09
C LEU A 48 28.62 -8.20 -8.47
N GLN A 49 28.77 -6.95 -8.91
CA GLN A 49 30.08 -6.45 -9.33
C GLN A 49 30.27 -4.97 -8.98
N THR A 50 31.36 -4.67 -8.28
CA THR A 50 31.63 -3.28 -7.91
C THR A 50 32.77 -2.78 -8.76
N VAL A 51 32.57 -1.64 -9.42
CA VAL A 51 33.59 -1.07 -10.28
C VAL A 51 34.16 0.21 -9.69
N THR A 52 35.29 0.64 -10.22
CA THR A 52 35.95 1.86 -9.77
C THR A 52 35.92 2.92 -10.86
N GLY A 53 35.61 4.15 -10.48
CA GLY A 53 35.54 5.22 -11.46
C GLY A 53 36.36 6.45 -11.15
N TYR A 54 35.90 7.58 -11.65
CA TYR A 54 36.57 8.86 -11.45
C TYR A 54 37.06 8.99 -10.01
N GLN A 55 38.35 9.26 -9.85
CA GLN A 55 38.96 9.45 -8.53
C GLN A 55 38.78 8.33 -7.52
N GLY A 56 38.63 7.11 -7.99
CA GLY A 56 38.49 5.98 -7.08
C GLY A 56 37.12 5.70 -6.50
N ARG A 57 36.10 6.38 -6.98
CA ARG A 57 34.74 6.18 -6.48
C ARG A 57 34.24 4.80 -6.93
N LYS A 58 33.67 4.03 -6.01
CA LYS A 58 33.16 2.69 -6.34
C LYS A 58 31.64 2.63 -6.48
N TYR A 59 31.18 1.89 -7.48
CA TYR A 59 29.74 1.72 -7.74
C TYR A 59 29.37 0.28 -8.06
N ASP A 60 28.18 -0.14 -7.60
CA ASP A 60 27.71 -1.48 -7.90
C ASP A 60 27.05 -1.35 -9.27
N ILE A 61 27.62 -1.98 -10.29
CA ILE A 61 27.07 -1.92 -11.64
C ILE A 61 25.99 -2.98 -11.83
N GLY A 62 25.88 -3.88 -10.85
CA GLY A 62 24.86 -4.93 -10.87
C GLY A 62 23.96 -4.66 -9.67
N ALA A 63 23.72 -5.66 -8.83
CA ALA A 63 22.86 -5.46 -7.66
C ALA A 63 23.36 -4.34 -6.74
N SER A 64 22.43 -3.51 -6.25
CA SER A 64 22.78 -2.38 -5.37
C SER A 64 22.08 -2.39 -4.03
N TRP A 65 20.84 -2.87 -4.01
CA TRP A 65 20.05 -2.88 -2.79
C TRP A 65 19.74 -4.22 -2.16
N HIS A 66 19.39 -4.15 -0.89
CA HIS A 66 18.94 -5.28 -0.11
C HIS A 66 17.43 -5.01 -0.08
N HIS A 67 16.64 -5.86 -0.72
CA HIS A 67 15.19 -5.64 -0.74
C HIS A 67 14.51 -6.36 0.42
N ASP A 68 13.24 -6.03 0.64
CA ASP A 68 12.44 -6.66 1.68
C ASP A 68 13.18 -6.81 3.01
N THR A 69 13.81 -5.74 3.50
CA THR A 69 14.59 -5.82 4.74
C THR A 69 13.90 -6.35 6.01
N LEU A 70 12.59 -6.56 5.98
CA LEU A 70 11.93 -7.06 7.17
C LEU A 70 12.04 -8.58 7.24
N THR A 71 12.36 -9.19 6.10
CA THR A 71 12.44 -10.65 6.03
C THR A 71 13.74 -11.17 5.38
N ASN A 72 14.27 -10.40 4.45
CA ASN A 72 15.50 -10.75 3.73
C ASN A 72 16.55 -11.37 4.68
N PRO A 73 16.72 -12.71 4.64
CA PRO A 73 17.69 -13.36 5.54
C PRO A 73 19.15 -12.92 5.35
N LEU A 74 19.52 -12.60 4.11
CA LEU A 74 20.88 -12.15 3.85
C LEU A 74 21.07 -10.81 4.56
N PHE A 75 20.22 -9.84 4.23
CA PHE A 75 20.30 -8.52 4.84
C PHE A 75 20.35 -8.61 6.36
N LEU A 76 19.49 -9.44 6.94
CA LEU A 76 19.47 -9.62 8.39
C LEU A 76 20.85 -10.02 8.90
N GLU A 77 21.46 -10.98 8.21
CA GLU A 77 22.80 -11.45 8.58
C GLU A 77 23.79 -10.28 8.51
N GLU A 78 23.64 -9.42 7.51
CA GLU A 78 24.52 -8.28 7.35
C GLU A 78 24.31 -7.25 8.47
N ALA A 79 23.06 -7.12 8.92
CA ALA A 79 22.74 -6.17 10.00
C ALA A 79 23.37 -6.64 11.30
N GLN A 80 23.23 -7.94 11.58
CA GLN A 80 23.79 -8.54 12.78
C GLN A 80 25.28 -8.18 12.89
N LEU A 81 26.00 -8.30 11.78
CA LEU A 81 27.41 -7.96 11.79
C LEU A 81 27.57 -6.53 12.28
N SER A 82 26.99 -5.60 11.53
CA SER A 82 27.06 -4.19 11.84
C SER A 82 26.66 -3.84 13.28
N LEU A 83 25.85 -4.68 13.90
CA LEU A 83 25.43 -4.41 15.27
C LEU A 83 26.57 -4.77 16.22
N ASN A 84 27.34 -5.79 15.84
CA ASN A 84 28.46 -6.24 16.67
C ASN A 84 29.67 -5.32 16.55
N ASP A 85 30.16 -5.12 15.33
CA ASP A 85 31.33 -4.29 15.09
C ASP A 85 31.04 -2.81 14.85
N GLY A 86 29.77 -2.47 14.63
CA GLY A 86 29.39 -1.08 14.41
C GLY A 86 29.92 -0.42 13.14
N ARG A 87 30.20 -1.24 12.12
CA ARG A 87 30.72 -0.73 10.85
C ARG A 87 29.60 -0.54 9.84
N THR A 88 29.74 0.47 8.97
CA THR A 88 28.74 0.75 7.97
C THR A 88 28.83 -0.23 6.81
N ARG A 89 27.74 -0.95 6.55
CA ARG A 89 27.69 -1.91 5.45
C ARG A 89 26.59 -1.54 4.48
N PHE A 90 25.60 -0.79 4.97
CA PHE A 90 24.46 -0.38 4.15
C PHE A 90 23.84 0.91 4.67
N VAL A 91 22.99 1.51 3.84
CA VAL A 91 22.28 2.75 4.20
C VAL A 91 20.86 2.76 3.62
N PHE A 92 19.88 2.98 4.50
CA PHE A 92 18.49 3.05 4.08
C PHE A 92 18.31 4.34 3.30
N ASP A 93 18.17 4.22 1.99
CA ASP A 93 18.06 5.39 1.16
C ASP A 93 16.72 5.67 0.52
N ASP A 94 15.66 5.01 0.97
CA ASP A 94 14.34 5.29 0.40
C ASP A 94 14.11 6.78 0.65
N ASP A 95 13.41 7.45 -0.26
CA ASP A 95 13.19 8.88 -0.11
C ASP A 95 11.91 9.22 -0.87
N ASN A 96 11.48 10.47 -0.77
CA ASN A 96 10.29 10.90 -1.51
C ASN A 96 10.73 11.13 -2.94
N PHE A 97 10.16 10.37 -3.87
CA PHE A 97 10.50 10.45 -5.29
C PHE A 97 10.24 11.80 -5.95
N ILE A 98 11.25 12.34 -6.61
CA ILE A 98 11.08 13.59 -7.34
C ILE A 98 10.75 13.16 -8.78
N TYR A 99 9.62 13.64 -9.31
CA TYR A 99 9.21 13.28 -10.66
C TYR A 99 9.32 14.48 -11.60
N ILE A 100 9.99 14.28 -12.73
CA ILE A 100 10.24 15.35 -13.70
C ILE A 100 9.76 15.12 -15.12
N ASP A 101 8.98 16.08 -15.64
CA ASP A 101 8.50 16.02 -17.02
C ASP A 101 9.34 17.02 -17.81
N GLU A 102 9.57 16.76 -19.09
CA GLU A 102 10.40 17.66 -19.87
C GLU A 102 9.96 19.13 -19.79
N GLU A 103 8.68 19.38 -20.00
CA GLU A 103 8.20 20.75 -19.95
C GLU A 103 7.75 21.14 -18.55
N ARG A 104 6.66 20.53 -18.10
CA ARG A 104 6.09 20.78 -16.78
C ARG A 104 7.12 20.93 -15.65
N GLY A 105 8.18 20.13 -15.71
CA GLY A 105 9.18 20.18 -14.66
C GLY A 105 8.71 19.24 -13.56
N ARG A 106 8.95 19.59 -12.30
CA ARG A 106 8.52 18.72 -11.21
C ARG A 106 7.01 18.55 -11.14
N VAL A 107 6.56 17.30 -11.02
CA VAL A 107 5.12 17.01 -10.93
C VAL A 107 4.80 16.16 -9.71
N ASP A 108 5.78 15.96 -8.84
CA ASP A 108 5.56 15.16 -7.64
C ASP A 108 4.96 16.01 -6.53
N HIS A 109 4.26 15.35 -5.62
CA HIS A 109 3.64 16.02 -4.47
C HIS A 109 3.03 17.34 -4.94
N ASP A 110 2.14 17.25 -5.93
CA ASP A 110 1.47 18.42 -6.50
C ASP A 110 0.02 18.45 -6.03
N LYS A 111 -0.38 19.59 -5.46
CA LYS A 111 -1.73 19.77 -4.92
C LYS A 111 -2.86 19.71 -5.92
N GLU A 112 -2.54 19.65 -7.21
CA GLU A 112 -3.57 19.58 -8.23
C GLU A 112 -3.56 18.23 -8.95
N LEU A 113 -2.36 17.77 -9.31
CA LEU A 113 -2.20 16.51 -10.03
C LEU A 113 -2.41 15.28 -9.14
N LEU A 114 -1.88 15.35 -7.92
CA LEU A 114 -2.01 14.24 -6.96
C LEU A 114 -1.73 12.90 -7.61
N LEU A 115 -0.66 12.84 -8.40
CA LEU A 115 -0.30 11.63 -9.13
C LEU A 115 -0.05 10.40 -8.26
N GLU A 116 0.71 10.56 -7.18
CA GLU A 116 0.98 9.44 -6.31
C GLU A 116 -0.32 8.84 -5.78
N ILE A 117 -1.34 9.67 -5.61
CA ILE A 117 -2.61 9.19 -5.10
C ILE A 117 -3.35 8.33 -6.12
N VAL A 118 -3.47 8.81 -7.35
CA VAL A 118 -4.14 7.99 -8.37
C VAL A 118 -3.26 6.80 -8.70
N ASP A 119 -1.94 6.96 -8.59
CA ASP A 119 -1.04 5.85 -8.84
C ASP A 119 -1.39 4.73 -7.86
N ASN A 120 -1.70 5.11 -6.64
CA ASN A 120 -2.07 4.13 -5.62
C ASN A 120 -3.40 3.45 -5.97
N GLU A 121 -4.38 4.21 -6.44
CA GLU A 121 -5.67 3.63 -6.85
C GLU A 121 -5.44 2.64 -7.98
N MET A 122 -4.51 2.97 -8.87
CA MET A 122 -4.18 2.11 -10.00
C MET A 122 -3.72 0.72 -9.57
N SER A 123 -2.75 0.67 -8.65
CA SER A 123 -2.25 -0.61 -8.16
C SER A 123 -3.40 -1.37 -7.50
N LYS A 124 -4.24 -0.67 -6.74
CA LYS A 124 -5.36 -1.34 -6.10
C LYS A 124 -6.27 -1.91 -7.19
N PHE A 125 -6.44 -1.17 -8.29
CA PHE A 125 -7.25 -1.61 -9.43
C PHE A 125 -6.68 -2.90 -10.05
N ALA A 126 -5.36 -2.98 -10.09
CA ALA A 126 -4.66 -4.16 -10.63
C ALA A 126 -4.89 -5.35 -9.71
N GLU A 127 -4.76 -5.11 -8.41
CA GLU A 127 -4.98 -6.17 -7.43
C GLU A 127 -6.38 -6.73 -7.60
N LEU A 128 -7.37 -5.84 -7.62
CA LEU A 128 -8.76 -6.27 -7.78
C LEU A 128 -9.00 -6.95 -9.12
N GLU A 129 -8.16 -6.63 -10.10
CA GLU A 129 -8.31 -7.19 -11.45
C GLU A 129 -7.92 -8.67 -11.54
N PHE A 130 -6.82 -9.05 -10.90
CA PHE A 130 -6.36 -10.43 -10.98
C PHE A 130 -6.50 -11.24 -9.69
N HIS A 131 -5.88 -10.74 -8.61
CA HIS A 131 -5.90 -11.40 -7.31
C HIS A 131 -7.30 -11.81 -6.81
N GLN A 132 -8.34 -11.36 -7.52
CA GLN A 132 -9.69 -11.70 -7.10
C GLN A 132 -10.58 -12.25 -8.20
N HIS A 133 -9.98 -12.70 -9.30
CA HIS A 133 -10.78 -13.24 -10.40
C HIS A 133 -10.05 -14.20 -11.33
N LEU A 134 -10.21 -15.50 -11.10
CA LEU A 134 -9.57 -16.53 -11.91
C LEU A 134 -10.05 -16.54 -13.36
N GLY A 135 -9.17 -16.99 -14.27
CA GLY A 135 -9.55 -17.08 -15.66
C GLY A 135 -9.19 -15.87 -16.51
N VAL A 136 -9.02 -14.73 -15.87
CA VAL A 136 -8.67 -13.48 -16.56
C VAL A 136 -7.35 -13.60 -17.33
N SER A 137 -7.36 -13.18 -18.60
CA SER A 137 -6.14 -13.23 -19.41
C SER A 137 -5.10 -12.24 -18.88
N ASP A 138 -3.85 -12.36 -19.33
CA ASP A 138 -2.78 -11.50 -18.83
C ASP A 138 -2.53 -10.10 -19.41
N CYS A 139 -2.57 -9.91 -20.72
CA CYS A 139 -2.28 -8.58 -21.30
C CYS A 139 -1.00 -7.92 -20.77
N SER A 140 -0.50 -6.91 -21.47
CA SER A 140 0.71 -6.19 -21.06
C SER A 140 0.40 -5.15 -20.00
N PHE A 141 1.43 -4.68 -19.29
CA PHE A 141 1.22 -3.67 -18.27
C PHE A 141 0.56 -2.46 -18.90
N PHE A 142 0.99 -2.13 -20.12
CA PHE A 142 0.44 -1.00 -20.87
C PHE A 142 -1.08 -1.16 -21.03
N GLN A 143 -1.50 -2.34 -21.48
CA GLN A 143 -2.94 -2.57 -21.68
C GLN A 143 -3.71 -2.48 -20.37
N LEU A 144 -3.05 -2.76 -19.25
CA LEU A 144 -3.73 -2.70 -17.96
C LEU A 144 -3.96 -1.24 -17.60
N VAL A 145 -2.96 -0.41 -17.87
CA VAL A 145 -3.07 1.01 -17.56
C VAL A 145 -4.17 1.66 -18.39
N MET A 146 -4.26 1.29 -19.67
CA MET A 146 -5.30 1.85 -20.55
C MET A 146 -6.67 1.41 -20.05
N LYS A 147 -6.76 0.17 -19.59
CA LYS A 147 -8.02 -0.34 -19.10
C LYS A 147 -8.45 0.45 -17.85
N TYR A 148 -7.47 0.85 -17.05
CA TYR A 148 -7.76 1.62 -15.85
C TYR A 148 -8.26 3.03 -16.19
N LEU A 149 -7.58 3.69 -17.14
CA LEU A 149 -7.96 5.05 -17.54
C LEU A 149 -9.38 5.03 -18.12
N LEU A 150 -9.69 4.01 -18.89
CA LEU A 150 -10.99 3.90 -19.50
C LEU A 150 -12.08 3.74 -18.44
N GLN A 151 -11.83 2.90 -17.44
CA GLN A 151 -12.83 2.68 -16.40
C GLN A 151 -13.00 3.84 -15.42
N ARG A 152 -11.95 4.60 -15.18
CA ARG A 152 -12.05 5.70 -14.22
C ARG A 152 -11.99 7.09 -14.80
N ARG A 153 -12.08 7.20 -16.12
CA ARG A 153 -12.03 8.49 -16.82
C ARG A 153 -12.99 9.53 -16.20
N GLN A 154 -14.15 9.08 -15.74
CA GLN A 154 -15.10 10.00 -15.12
C GLN A 154 -14.55 10.66 -13.85
N PHE A 155 -13.58 10.00 -13.21
CA PHE A 155 -13.04 10.52 -11.95
C PHE A 155 -11.57 10.95 -12.00
N LEU A 156 -11.11 11.33 -13.19
CA LEU A 156 -9.73 11.75 -13.37
C LEU A 156 -9.74 13.05 -14.16
N THR A 157 -8.77 13.92 -13.89
CA THR A 157 -8.68 15.18 -14.64
C THR A 157 -7.83 14.92 -15.88
N ASN A 158 -7.80 15.89 -16.79
CA ASN A 158 -7.02 15.77 -18.02
C ASN A 158 -5.53 15.56 -17.73
N ASP A 159 -4.96 16.40 -16.87
CA ASP A 159 -3.54 16.28 -16.54
C ASP A 159 -3.19 14.95 -15.88
N GLN A 160 -4.18 14.33 -15.24
CA GLN A 160 -3.97 13.05 -14.59
C GLN A 160 -3.94 11.96 -15.67
N ILE A 161 -4.93 11.98 -16.56
CA ILE A 161 -4.99 11.00 -17.65
C ILE A 161 -3.71 11.10 -18.45
N ARG A 162 -3.16 12.31 -18.53
CA ARG A 162 -1.94 12.51 -19.29
C ARG A 162 -0.64 12.13 -18.59
N TYR A 163 -0.49 12.53 -17.32
CA TYR A 163 0.73 12.24 -16.60
C TYR A 163 0.78 10.95 -15.79
N LEU A 164 -0.37 10.43 -15.36
CA LEU A 164 -0.40 9.20 -14.56
C LEU A 164 0.25 8.02 -15.25
N PRO A 165 -0.21 7.67 -16.46
CA PRO A 165 0.39 6.54 -17.18
C PRO A 165 1.91 6.61 -17.34
N GLN A 166 2.47 7.81 -17.44
CA GLN A 166 3.92 7.95 -17.57
C GLN A 166 4.63 7.81 -16.23
N LEU A 167 3.92 8.14 -15.16
CA LEU A 167 4.51 8.06 -13.84
C LEU A 167 4.54 6.63 -13.31
N CYS A 168 3.46 5.90 -13.53
CA CYS A 168 3.40 4.52 -13.05
C CYS A 168 4.44 3.63 -13.74
N ARG A 169 5.07 4.14 -14.80
CA ARG A 169 6.06 3.38 -15.53
C ARG A 169 7.39 3.26 -14.80
N TYR A 170 7.47 3.79 -13.58
CA TYR A 170 8.70 3.66 -12.83
C TYR A 170 8.88 2.15 -12.61
N LEU A 171 7.76 1.42 -12.68
CA LEU A 171 7.77 -0.03 -12.50
C LEU A 171 8.61 -0.74 -13.55
N GLU A 172 8.81 -0.09 -14.70
CA GLU A 172 9.62 -0.66 -15.75
C GLU A 172 11.01 -0.93 -15.21
N LEU A 173 11.46 -0.06 -14.31
CA LEU A 173 12.80 -0.21 -13.74
C LEU A 173 12.89 -1.21 -12.60
N TRP A 174 11.82 -1.95 -12.35
CA TRP A 174 11.88 -2.97 -11.31
C TRP A 174 12.09 -4.28 -12.07
N HIS A 175 11.62 -4.31 -13.31
CA HIS A 175 11.70 -5.50 -14.14
C HIS A 175 12.72 -5.44 -15.27
N GLY A 176 13.11 -4.23 -15.68
CA GLY A 176 14.05 -4.08 -16.78
C GLY A 176 13.35 -4.28 -18.11
N LEU A 177 12.05 -4.00 -18.15
CA LEU A 177 11.24 -4.18 -19.36
C LEU A 177 10.27 -3.03 -19.65
N ASP A 178 10.16 -2.67 -20.92
CA ASP A 178 9.23 -1.61 -21.33
C ASP A 178 7.82 -2.12 -21.02
N TRP A 179 6.91 -1.22 -20.68
CA TRP A 179 5.55 -1.63 -20.31
C TRP A 179 4.74 -2.37 -21.35
N LYS A 180 5.19 -2.40 -22.62
CA LYS A 180 4.45 -3.15 -23.64
C LYS A 180 5.02 -4.55 -23.76
N LEU A 181 6.16 -4.77 -23.11
CA LEU A 181 6.82 -6.07 -23.10
C LEU A 181 6.54 -6.78 -21.78
N LEU A 182 6.11 -6.01 -20.78
CA LEU A 182 5.86 -6.52 -19.44
C LEU A 182 4.50 -7.14 -19.14
N SER A 183 4.52 -8.31 -18.48
CA SER A 183 3.31 -9.00 -18.08
C SER A 183 2.61 -8.21 -17.00
N ALA A 184 1.34 -7.90 -17.22
CA ALA A 184 0.57 -7.13 -16.26
C ALA A 184 0.36 -7.93 -14.97
N LYS A 185 0.07 -9.21 -15.09
CA LYS A 185 -0.13 -10.05 -13.91
C LYS A 185 1.07 -10.07 -12.98
N ASP A 186 2.26 -9.86 -13.53
CA ASP A 186 3.47 -9.88 -12.74
C ASP A 186 4.02 -8.48 -12.42
N THR A 187 3.36 -7.45 -12.91
CA THR A 187 3.84 -6.07 -12.70
C THR A 187 3.95 -5.68 -11.24
N TYR A 188 2.84 -5.81 -10.51
CA TYR A 188 2.84 -5.45 -9.09
C TYR A 188 3.21 -6.60 -8.16
N PHE A 189 3.87 -6.26 -7.07
CA PHE A 189 4.28 -7.22 -6.05
C PHE A 189 4.60 -6.43 -4.79
N GLY A 190 4.41 -7.06 -3.64
CA GLY A 190 4.66 -6.39 -2.37
C GLY A 190 6.10 -6.35 -1.93
N HIS A 191 6.49 -5.21 -1.37
CA HIS A 191 7.85 -5.03 -0.86
C HIS A 191 7.78 -5.20 0.65
N GLN A 192 8.55 -6.16 1.16
CA GLN A 192 8.57 -6.46 2.58
C GLN A 192 9.39 -5.44 3.35
N GLY A 193 8.98 -4.19 3.26
CA GLY A 193 9.68 -3.12 3.96
C GLY A 193 10.63 -2.31 3.11
N ARG A 194 11.33 -1.39 3.76
CA ARG A 194 12.30 -0.53 3.09
C ARG A 194 13.45 -1.27 2.45
N ASN A 195 14.12 -0.56 1.55
CA ASN A 195 15.28 -1.07 0.84
C ASN A 195 16.54 -0.51 1.50
N ALA A 196 17.68 -1.16 1.31
CA ALA A 196 18.95 -0.69 1.87
C ALA A 196 20.03 -0.73 0.80
N PHE A 197 20.58 0.44 0.51
CA PHE A 197 21.63 0.57 -0.49
C PHE A 197 22.92 -0.03 0.08
N ALA A 198 23.37 -1.13 -0.51
CA ALA A 198 24.59 -1.77 -0.04
C ALA A 198 25.77 -0.86 -0.33
N LEU A 199 26.57 -0.59 0.68
CA LEU A 199 27.73 0.27 0.47
C LEU A 199 28.90 -0.65 0.21
N ASN A 200 28.78 -1.35 -0.92
CA ASN A 200 29.77 -2.31 -1.33
C ASN A 200 29.11 -3.66 -1.22
N TYR A 201 28.55 -4.15 -2.33
CA TYR A 201 27.92 -5.47 -2.31
C TYR A 201 29.10 -6.43 -2.41
N ASP A 202 30.18 -5.95 -3.03
CA ASP A 202 31.37 -6.77 -3.18
C ASP A 202 31.95 -7.13 -1.82
N SER A 203 31.49 -6.45 -0.77
CA SER A 203 31.95 -6.74 0.58
C SER A 203 31.18 -7.99 1.01
N VAL A 204 29.95 -8.10 0.51
CA VAL A 204 29.12 -9.26 0.81
C VAL A 204 29.69 -10.44 0.03
N VAL A 205 30.09 -10.20 -1.21
CA VAL A 205 30.65 -11.26 -2.04
C VAL A 205 31.93 -11.82 -1.43
N GLN A 206 32.86 -10.93 -1.10
CA GLN A 206 34.13 -11.35 -0.52
C GLN A 206 33.99 -12.07 0.82
N ARG A 207 33.09 -11.61 1.68
CA ARG A 207 32.91 -12.26 2.98
C ARG A 207 32.50 -13.71 2.82
N ILE A 208 31.58 -13.97 1.89
CA ILE A 208 31.10 -15.32 1.64
C ILE A 208 32.16 -16.16 0.92
N ALA A 209 32.90 -15.53 0.02
CA ALA A 209 33.93 -16.21 -0.75
C ALA A 209 35.14 -16.61 0.09
N GLN A 210 35.31 -15.98 1.25
CA GLN A 210 36.43 -16.30 2.12
C GLN A 210 36.01 -17.12 3.32
N SER A 211 34.82 -17.72 3.26
CA SER A 211 34.34 -18.54 4.36
C SER A 211 34.47 -20.01 3.99
N PHE A 212 35.17 -20.28 2.89
CA PHE A 212 35.40 -21.65 2.44
C PHE A 212 36.78 -21.71 1.78
N PRO A 213 37.42 -22.89 1.76
CA PRO A 213 38.75 -23.07 1.17
C PRO A 213 38.97 -22.35 -0.16
N GLN A 214 40.09 -21.64 -0.24
CA GLN A 214 40.45 -20.89 -1.45
C GLN A 214 40.77 -21.75 -2.67
N ASN A 215 41.48 -22.86 -2.46
CA ASN A 215 41.84 -23.74 -3.58
C ASN A 215 40.60 -24.30 -4.28
N TRP A 216 39.45 -24.20 -3.62
CA TRP A 216 38.19 -24.68 -4.18
C TRP A 216 37.79 -23.80 -5.38
N LEU A 217 38.15 -22.52 -5.29
CA LEU A 217 37.81 -21.56 -6.34
C LEU A 217 38.66 -21.63 -7.61
N LYS A 218 38.04 -22.00 -8.73
CA LYS A 218 38.75 -22.06 -9.99
C LYS A 218 38.20 -21.02 -10.95
N LEU A 219 38.85 -19.87 -11.03
CA LEU A 219 38.40 -18.82 -11.93
C LEU A 219 38.84 -19.08 -13.37
N SER A 220 38.16 -18.44 -14.31
CA SER A 220 38.47 -18.59 -15.73
C SER A 220 38.25 -19.97 -16.35
N CYS A 221 37.67 -20.93 -15.62
CA CYS A 221 37.39 -22.24 -16.23
C CYS A 221 35.92 -22.24 -16.66
N GLU A 222 35.68 -22.23 -17.97
CA GLU A 222 34.32 -22.25 -18.51
C GLU A 222 33.90 -23.71 -18.61
N VAL A 223 32.76 -24.06 -18.02
CA VAL A 223 32.27 -25.43 -18.09
C VAL A 223 31.51 -25.57 -19.39
N LYS A 224 31.74 -26.67 -20.12
CA LYS A 224 31.08 -26.89 -21.40
C LYS A 224 30.10 -28.06 -21.45
N SER A 225 30.23 -29.03 -20.54
CA SER A 225 29.31 -30.17 -20.55
C SER A 225 29.24 -30.93 -19.23
N ILE A 226 28.07 -31.53 -19.00
CA ILE A 226 27.81 -32.29 -17.79
C ILE A 226 27.11 -33.59 -18.19
N THR A 227 27.58 -34.71 -17.68
CA THR A 227 27.01 -36.01 -18.04
C THR A 227 26.78 -36.94 -16.85
N ARG A 228 25.60 -37.55 -16.79
CA ARG A 228 25.31 -38.47 -15.71
C ARG A 228 25.64 -39.88 -16.20
N GLU A 229 26.53 -40.55 -15.47
CA GLU A 229 26.92 -41.91 -15.80
C GLU A 229 25.96 -42.76 -14.98
N PRO A 230 24.99 -43.41 -15.65
CA PRO A 230 24.00 -44.26 -14.98
C PRO A 230 24.62 -45.18 -13.92
N SER A 231 24.84 -44.64 -12.73
CA SER A 231 25.44 -45.38 -11.63
C SER A 231 25.56 -44.52 -10.37
N LYS A 232 26.11 -43.32 -10.53
CA LYS A 232 26.25 -42.42 -9.38
C LYS A 232 27.41 -41.46 -9.49
N ASN A 233 27.80 -41.14 -10.73
CA ASN A 233 28.89 -40.21 -10.94
C ASN A 233 28.48 -39.19 -11.98
N VAL A 234 29.01 -37.98 -11.87
CA VAL A 234 28.70 -36.92 -12.83
C VAL A 234 30.01 -36.46 -13.45
N THR A 235 30.06 -36.43 -14.78
CA THR A 235 31.27 -36.00 -15.48
C THR A 235 31.11 -34.55 -15.93
N VAL A 236 32.02 -33.69 -15.45
CA VAL A 236 32.02 -32.28 -15.78
C VAL A 236 33.28 -31.98 -16.59
N ASN A 237 33.15 -31.23 -17.69
CA ASN A 237 34.28 -30.90 -18.54
C ASN A 237 34.55 -29.40 -18.67
N CYS A 238 35.67 -28.90 -18.13
CA CYS A 238 36.02 -27.46 -18.28
C CYS A 238 36.41 -27.30 -19.76
N GLU A 239 36.57 -26.07 -20.22
CA GLU A 239 36.93 -25.83 -21.62
C GLU A 239 38.44 -26.02 -21.79
N ASP A 240 39.16 -25.91 -20.67
CA ASP A 240 40.61 -26.08 -20.71
C ASP A 240 40.97 -27.57 -20.72
N GLY A 241 40.03 -28.39 -21.20
CA GLY A 241 40.29 -29.81 -21.28
C GLY A 241 40.21 -30.60 -19.98
N THR A 242 40.44 -29.96 -18.85
CA THR A 242 40.38 -30.66 -17.56
C THR A 242 39.04 -31.37 -17.42
N VAL A 243 39.03 -32.45 -16.63
CA VAL A 243 37.83 -33.24 -16.40
C VAL A 243 37.68 -33.59 -14.92
N TYR A 244 36.44 -33.62 -14.43
CA TYR A 244 36.19 -33.95 -13.03
C TYR A 244 35.09 -34.97 -12.82
N ASN A 245 35.25 -35.80 -11.80
CA ASN A 245 34.28 -36.83 -11.45
C ASN A 245 33.64 -36.27 -10.19
N ALA A 246 32.31 -36.33 -10.08
CA ALA A 246 31.65 -35.81 -8.90
C ALA A 246 30.39 -36.55 -8.49
N ASP A 247 30.13 -36.55 -7.19
CA ASP A 247 28.94 -37.22 -6.66
C ASP A 247 27.73 -36.33 -6.95
N TYR A 248 27.90 -35.03 -6.75
CA TYR A 248 26.83 -34.06 -6.97
C TYR A 248 27.31 -32.80 -7.67
N VAL A 249 26.38 -32.09 -8.30
CA VAL A 249 26.68 -30.83 -8.99
C VAL A 249 25.53 -29.83 -8.84
N ILE A 250 25.87 -28.60 -8.47
CA ILE A 250 24.88 -27.53 -8.30
C ILE A 250 25.12 -26.48 -9.40
N ILE A 251 24.30 -26.48 -10.44
CA ILE A 251 24.48 -25.54 -11.54
C ILE A 251 23.86 -24.16 -11.25
N THR A 252 24.69 -23.11 -11.24
CA THR A 252 24.15 -21.78 -10.97
C THR A 252 24.23 -20.77 -12.11
N VAL A 253 24.41 -21.22 -13.35
CA VAL A 253 24.47 -20.28 -14.47
C VAL A 253 23.12 -19.56 -14.60
N PRO A 254 23.13 -18.35 -15.17
CA PRO A 254 21.86 -17.62 -15.32
C PRO A 254 20.85 -18.38 -16.17
N GLN A 255 19.57 -18.08 -15.98
CA GLN A 255 18.52 -18.72 -16.74
C GLN A 255 18.73 -18.55 -18.25
N SER A 256 19.16 -17.36 -18.65
CA SER A 256 19.40 -17.04 -20.05
C SER A 256 20.50 -17.91 -20.65
N VAL A 257 21.48 -18.28 -19.84
CA VAL A 257 22.57 -19.12 -20.33
C VAL A 257 22.15 -20.59 -20.35
N LEU A 258 21.36 -21.01 -19.38
CA LEU A 258 20.90 -22.40 -19.35
C LEU A 258 19.97 -22.69 -20.54
N ASN A 259 19.32 -21.64 -21.06
CA ASN A 259 18.40 -21.77 -22.19
C ASN A 259 19.15 -22.18 -23.47
N LEU A 260 20.44 -21.85 -23.54
CA LEU A 260 21.26 -22.20 -24.71
C LEU A 260 21.41 -23.71 -24.82
N SER A 261 21.18 -24.41 -23.70
CA SER A 261 21.29 -25.86 -23.66
C SER A 261 20.20 -26.57 -24.46
N VAL A 262 19.02 -25.96 -24.54
CA VAL A 262 17.93 -26.58 -25.29
C VAL A 262 17.97 -26.22 -26.77
N GLN A 263 18.98 -25.45 -27.18
CA GLN A 263 19.15 -25.07 -28.58
C GLN A 263 20.24 -25.99 -29.14
N PRO A 264 20.20 -26.28 -30.46
CA PRO A 264 21.20 -27.15 -31.11
C PRO A 264 22.40 -26.39 -31.68
N GLU A 265 23.51 -26.46 -30.96
CA GLU A 265 24.76 -25.77 -31.34
C GLU A 265 25.62 -25.71 -30.10
N LYS A 266 26.62 -26.58 -30.02
CA LYS A 266 27.48 -26.64 -28.85
C LYS A 266 28.48 -25.50 -28.64
N ASN A 267 28.84 -24.79 -29.71
CA ASN A 267 29.84 -23.71 -29.58
C ASN A 267 29.31 -22.31 -29.25
N LEU A 268 28.67 -22.17 -28.11
CA LEU A 268 28.17 -20.86 -27.67
C LEU A 268 28.78 -20.60 -26.31
N ARG A 269 29.42 -19.44 -26.16
CA ARG A 269 30.05 -19.09 -24.89
C ARG A 269 29.07 -19.22 -23.74
N GLY A 270 29.41 -20.10 -22.79
CA GLY A 270 28.55 -20.31 -21.64
C GLY A 270 27.65 -21.54 -21.75
N ARG A 271 27.31 -21.91 -22.98
CA ARG A 271 26.44 -23.06 -23.20
C ARG A 271 27.01 -24.36 -22.63
N ILE A 272 26.17 -25.08 -21.91
CA ILE A 272 26.53 -26.36 -21.31
C ILE A 272 25.75 -27.45 -22.02
N GLU A 273 26.47 -28.51 -22.42
CA GLU A 273 25.85 -29.64 -23.11
C GLU A 273 25.46 -30.68 -22.06
N PHE A 274 24.18 -31.03 -22.03
CA PHE A 274 23.70 -32.02 -21.08
C PHE A 274 23.49 -33.40 -21.70
N GLN A 275 23.86 -34.42 -20.94
CA GLN A 275 23.71 -35.80 -21.35
C GLN A 275 23.46 -36.67 -20.11
N PRO A 276 22.23 -37.20 -19.98
CA PRO A 276 21.15 -37.00 -20.94
C PRO A 276 20.68 -35.55 -20.96
N PRO A 277 20.02 -35.13 -22.05
CA PRO A 277 19.52 -33.76 -22.22
C PRO A 277 18.55 -33.34 -21.11
N LEU A 278 18.39 -32.04 -20.91
CA LEU A 278 17.49 -31.53 -19.87
C LEU A 278 16.06 -32.03 -20.04
N LYS A 279 15.51 -32.59 -18.98
CA LYS A 279 14.14 -33.12 -18.97
C LYS A 279 13.14 -32.16 -19.59
N PRO A 280 12.12 -32.70 -20.29
CA PRO A 280 11.09 -31.87 -20.93
C PRO A 280 10.39 -30.82 -20.04
N VAL A 281 10.28 -31.07 -18.75
CA VAL A 281 9.63 -30.10 -17.88
C VAL A 281 10.49 -28.86 -17.76
N ILE A 282 11.81 -29.06 -17.82
CA ILE A 282 12.76 -27.96 -17.75
C ILE A 282 12.78 -27.21 -19.09
N GLN A 283 12.97 -27.96 -20.18
CA GLN A 283 13.01 -27.38 -21.51
C GLN A 283 11.74 -26.57 -21.85
N ASP A 284 10.57 -27.12 -21.51
CA ASP A 284 9.30 -26.45 -21.79
C ASP A 284 9.06 -25.24 -20.90
N ALA A 285 9.71 -25.19 -19.74
CA ALA A 285 9.56 -24.05 -18.84
C ALA A 285 10.10 -22.74 -19.45
N PHE A 286 11.11 -22.85 -20.31
CA PHE A 286 11.71 -21.68 -20.94
C PHE A 286 10.74 -20.94 -21.88
N ASP A 287 9.66 -21.61 -22.25
CA ASP A 287 8.68 -20.96 -23.11
C ASP A 287 7.72 -20.13 -22.28
N LYS A 288 7.77 -20.33 -20.96
CA LYS A 288 6.87 -19.63 -20.05
C LYS A 288 7.50 -18.62 -19.12
N ILE A 289 8.75 -18.26 -19.36
CA ILE A 289 9.42 -17.28 -18.53
C ILE A 289 10.52 -16.66 -19.37
N HIS A 290 10.84 -15.39 -19.14
CA HIS A 290 11.87 -14.76 -19.93
C HIS A 290 12.93 -13.99 -19.16
N PHE A 291 13.62 -13.10 -19.85
CA PHE A 291 14.70 -12.34 -19.23
C PHE A 291 14.63 -10.85 -19.56
N GLY A 292 14.72 -10.04 -18.53
CA GLY A 292 14.67 -8.59 -18.71
C GLY A 292 16.08 -8.01 -18.85
N ALA A 293 16.14 -6.73 -19.17
CA ALA A 293 17.43 -6.08 -19.35
C ALA A 293 17.59 -4.76 -18.62
N LEU A 294 17.66 -4.82 -17.30
CA LEU A 294 17.85 -3.62 -16.53
C LEU A 294 19.29 -3.20 -16.83
N GLY A 295 19.51 -1.92 -17.08
CA GLY A 295 20.86 -1.47 -17.35
C GLY A 295 21.24 -0.30 -16.49
N LYS A 296 22.52 0.00 -16.45
CA LYS A 296 23.02 1.11 -15.65
C LYS A 296 24.01 2.04 -16.35
N VAL A 297 23.91 3.33 -15.99
CA VAL A 297 24.78 4.38 -16.51
C VAL A 297 25.03 5.29 -15.31
N ILE A 298 26.26 5.34 -14.84
CA ILE A 298 26.61 6.17 -13.71
C ILE A 298 27.33 7.44 -14.15
N PHE A 299 26.73 8.60 -13.88
CA PHE A 299 27.34 9.89 -14.27
C PHE A 299 28.16 10.48 -13.12
N GLU A 300 29.47 10.58 -13.33
CA GLU A 300 30.35 11.10 -12.31
C GLU A 300 30.66 12.57 -12.50
N PHE A 301 30.40 13.36 -11.46
CA PHE A 301 30.65 14.79 -11.55
C PHE A 301 31.82 15.22 -10.68
N GLU A 302 32.41 16.35 -11.05
CA GLU A 302 33.53 16.91 -10.32
C GLU A 302 33.11 17.18 -8.88
N GLU A 303 32.08 18.01 -8.72
CA GLU A 303 31.59 18.38 -7.39
C GLU A 303 30.07 18.53 -7.41
N CYS A 304 29.46 18.40 -6.24
CA CYS A 304 28.02 18.56 -6.13
C CYS A 304 27.63 20.03 -5.97
N CYS A 305 26.77 20.50 -6.87
CA CYS A 305 26.32 21.88 -6.83
C CYS A 305 24.85 21.94 -7.19
N TRP A 306 24.10 20.94 -6.73
CA TRP A 306 22.66 20.85 -6.98
C TRP A 306 21.95 20.59 -5.66
N SER A 307 20.63 20.64 -5.68
CA SER A 307 19.85 20.41 -4.48
C SER A 307 19.86 18.93 -4.08
N ASN A 308 20.01 18.67 -2.78
CA ASN A 308 19.99 17.30 -2.27
C ASN A 308 18.70 17.06 -1.46
N GLU A 309 17.58 17.51 -1.99
CA GLU A 309 16.29 17.34 -1.34
C GLU A 309 16.00 15.85 -1.20
N SER A 310 16.16 15.12 -2.30
CA SER A 310 15.89 13.70 -2.33
C SER A 310 17.00 12.96 -3.09
N SER A 311 17.10 11.66 -2.87
CA SER A 311 18.10 10.84 -3.53
C SER A 311 17.44 9.98 -4.60
N LYS A 312 16.17 10.23 -4.85
CA LYS A 312 15.43 9.46 -5.86
C LYS A 312 14.74 10.39 -6.88
N ILE A 313 15.12 10.26 -8.14
CA ILE A 313 14.56 11.09 -9.21
C ILE A 313 14.15 10.25 -10.41
N VAL A 314 12.96 10.51 -10.93
CA VAL A 314 12.49 9.78 -12.10
C VAL A 314 12.08 10.76 -13.20
N THR A 315 12.66 10.61 -14.37
CA THR A 315 12.28 11.49 -15.47
C THR A 315 11.20 10.78 -16.29
N LEU A 316 10.06 11.44 -16.46
CA LEU A 316 8.96 10.86 -17.22
C LEU A 316 9.16 10.98 -18.73
N ALA A 317 8.65 10.01 -19.49
CA ALA A 317 8.76 10.07 -20.94
C ALA A 317 7.72 11.08 -21.38
N ASN A 318 7.90 11.69 -22.55
CA ASN A 318 6.93 12.67 -23.03
C ASN A 318 5.52 12.13 -23.16
N SER A 319 4.55 13.02 -22.94
CA SER A 319 3.14 12.70 -23.07
C SER A 319 2.52 13.82 -23.92
N THR A 320 1.27 13.67 -24.32
CA THR A 320 0.63 14.69 -25.15
C THR A 320 -0.84 14.86 -24.79
N ASN A 321 -1.37 16.06 -25.03
CA ASN A 321 -2.78 16.34 -24.76
C ASN A 321 -3.60 15.60 -25.81
N GLU A 322 -2.95 15.22 -26.89
CA GLU A 322 -3.61 14.48 -27.96
C GLU A 322 -4.07 13.17 -27.33
N PHE A 323 -3.22 12.61 -26.46
CA PHE A 323 -3.51 11.36 -25.78
C PHE A 323 -4.78 11.44 -24.90
N VAL A 324 -4.91 12.52 -24.13
CA VAL A 324 -6.09 12.68 -23.28
C VAL A 324 -7.39 12.68 -24.11
N GLU A 325 -7.35 13.39 -25.23
CA GLU A 325 -8.50 13.48 -26.12
C GLU A 325 -8.90 12.10 -26.60
N ILE A 326 -7.91 11.30 -26.99
CA ILE A 326 -8.21 9.95 -27.46
C ILE A 326 -8.81 9.09 -26.34
N VAL A 327 -8.34 9.28 -25.12
CA VAL A 327 -8.87 8.52 -23.99
C VAL A 327 -10.30 8.96 -23.73
N ARG A 328 -10.53 10.27 -23.83
CA ARG A 328 -11.85 10.87 -23.63
C ARG A 328 -12.85 10.43 -24.68
N ASN A 329 -12.39 10.23 -25.91
CA ASN A 329 -13.32 9.85 -26.96
C ASN A 329 -13.40 8.38 -27.31
N ALA A 330 -12.51 7.57 -26.72
CA ALA A 330 -12.54 6.15 -26.98
C ALA A 330 -13.83 5.54 -26.47
N GLU A 331 -14.42 4.65 -27.25
CA GLU A 331 -15.67 4.00 -26.84
C GLU A 331 -15.35 2.79 -25.98
N ASN A 332 -14.27 2.09 -26.32
CA ASN A 332 -13.85 0.92 -25.56
C ASN A 332 -12.36 0.67 -25.76
N LEU A 333 -11.89 -0.47 -25.29
CA LEU A 333 -10.47 -0.79 -25.41
C LEU A 333 -10.09 -1.03 -26.86
N ASP A 334 -10.95 -1.73 -27.59
CA ASP A 334 -10.68 -2.03 -28.99
C ASP A 334 -10.42 -0.75 -29.77
N GLU A 335 -11.34 0.20 -29.65
CA GLU A 335 -11.20 1.48 -30.35
C GLU A 335 -10.01 2.30 -29.86
N LEU A 336 -9.74 2.29 -28.55
CA LEU A 336 -8.60 3.05 -28.01
C LEU A 336 -7.29 2.62 -28.67
N ASP A 337 -7.14 1.32 -28.87
CA ASP A 337 -5.93 0.81 -29.52
C ASP A 337 -5.91 1.32 -30.95
N SER A 338 -7.06 1.25 -31.60
CA SER A 338 -7.19 1.72 -32.97
C SER A 338 -6.70 3.15 -33.09
N MET A 339 -7.32 4.05 -32.34
CA MET A 339 -6.95 5.47 -32.38
C MET A 339 -5.53 5.68 -31.92
N LEU A 340 -5.08 4.89 -30.96
CA LEU A 340 -3.71 5.01 -30.45
C LEU A 340 -2.74 4.74 -31.59
N GLU A 341 -3.13 3.84 -32.49
CA GLU A 341 -2.30 3.53 -33.64
C GLU A 341 -2.42 4.75 -34.56
N ARG A 342 -1.78 5.84 -34.14
CA ARG A 342 -1.77 7.09 -34.89
C ARG A 342 -0.31 7.49 -35.07
N GLU A 343 0.33 6.92 -36.08
CA GLU A 343 1.74 7.19 -36.38
C GLU A 343 1.87 8.13 -37.57
N THR A 349 9.90 9.96 -33.95
CA THR A 349 10.70 9.03 -34.74
C THR A 349 11.76 8.31 -33.89
N SER A 350 13.03 8.66 -34.08
CA SER A 350 14.10 8.04 -33.31
C SER A 350 13.87 8.01 -31.81
N VAL A 351 14.68 7.22 -31.10
CA VAL A 351 14.57 7.10 -29.65
C VAL A 351 15.47 8.12 -28.95
N THR A 352 14.91 8.84 -27.97
CA THR A 352 15.66 9.85 -27.23
C THR A 352 15.60 9.60 -25.73
N CYS A 353 16.32 10.41 -24.98
CA CYS A 353 16.32 10.28 -23.53
C CYS A 353 14.94 10.59 -22.93
N TRP A 354 13.98 10.95 -23.79
CA TRP A 354 12.64 11.26 -23.32
C TRP A 354 11.64 10.24 -23.86
N SER A 355 12.16 9.18 -24.47
CA SER A 355 11.30 8.16 -25.04
C SER A 355 10.81 7.14 -24.00
N GLN A 356 11.51 7.05 -22.87
CA GLN A 356 11.15 6.13 -21.80
C GLN A 356 11.50 6.71 -20.44
N PRO A 357 10.86 6.22 -19.37
CA PRO A 357 11.18 6.77 -18.05
C PRO A 357 12.60 6.37 -17.64
N LEU A 358 13.28 7.24 -16.91
CA LEU A 358 14.61 6.94 -16.46
C LEU A 358 14.61 7.18 -14.97
N PHE A 359 15.35 6.35 -14.24
CA PHE A 359 15.42 6.44 -12.80
C PHE A 359 16.83 6.80 -12.35
N PHE A 360 16.99 7.97 -11.75
CA PHE A 360 18.32 8.39 -11.29
C PHE A 360 18.43 8.38 -9.77
N VAL A 361 19.56 7.89 -9.27
CA VAL A 361 19.79 7.90 -7.83
C VAL A 361 20.83 9.00 -7.59
N ASN A 362 20.45 10.03 -6.85
CA ASN A 362 21.37 11.12 -6.53
C ASN A 362 22.19 10.67 -5.32
N LEU A 363 23.33 10.05 -5.59
CA LEU A 363 24.20 9.52 -4.53
C LEU A 363 24.75 10.56 -3.59
N SER A 364 24.73 11.81 -4.02
CA SER A 364 25.25 12.89 -3.20
C SER A 364 24.57 12.91 -1.82
N LYS A 365 23.26 12.68 -1.78
CA LYS A 365 22.51 12.69 -0.52
C LYS A 365 22.62 11.42 0.32
N SER A 366 22.67 10.27 -0.31
CA SER A 366 22.73 9.01 0.42
C SER A 366 24.13 8.61 0.86
N THR A 367 25.13 8.90 0.04
CA THR A 367 26.51 8.54 0.34
C THR A 367 27.49 9.71 0.29
N GLY A 368 27.05 10.84 -0.25
CA GLY A 368 27.93 11.99 -0.33
C GLY A 368 28.85 12.02 -1.53
N VAL A 369 28.62 11.13 -2.49
CA VAL A 369 29.44 11.07 -3.70
C VAL A 369 28.71 11.83 -4.81
N ALA A 370 29.42 12.77 -5.43
CA ALA A 370 28.85 13.60 -6.49
C ALA A 370 28.61 12.84 -7.78
N SER A 371 27.76 11.83 -7.73
CA SER A 371 27.46 11.03 -8.90
C SER A 371 26.01 10.55 -8.94
N PHE A 372 25.49 10.35 -10.14
CA PHE A 372 24.13 9.86 -10.32
C PHE A 372 24.15 8.42 -10.87
N MET A 373 23.44 7.52 -10.21
CA MET A 373 23.33 6.15 -10.71
C MET A 373 21.99 6.12 -11.44
N MET A 374 22.01 5.82 -12.73
CA MET A 374 20.78 5.78 -13.51
C MET A 374 20.41 4.38 -13.99
N LEU A 375 19.14 3.99 -13.81
CA LEU A 375 18.69 2.68 -14.26
C LEU A 375 17.89 2.86 -15.53
N MET A 376 17.98 1.88 -16.42
CA MET A 376 17.25 1.93 -17.68
C MET A 376 16.69 0.55 -17.99
N GLN A 377 15.74 0.49 -18.90
CA GLN A 377 15.10 -0.77 -19.27
C GLN A 377 15.28 -1.15 -20.73
N ALA A 378 14.77 -2.32 -21.12
CA ALA A 378 14.86 -2.80 -22.49
C ALA A 378 13.66 -2.18 -23.20
N PRO A 379 13.78 -1.88 -24.50
CA PRO A 379 14.90 -2.06 -25.43
C PRO A 379 16.03 -1.03 -25.35
N LEU A 380 15.83 0.05 -24.61
CA LEU A 380 16.88 1.08 -24.51
C LEU A 380 18.22 0.54 -23.98
N THR A 381 18.17 -0.28 -22.94
CA THR A 381 19.39 -0.85 -22.35
C THR A 381 20.26 -1.52 -23.40
N ASN A 382 19.64 -2.29 -24.29
CA ASN A 382 20.37 -2.99 -25.34
C ASN A 382 21.03 -1.97 -26.27
N HIS A 383 20.31 -0.92 -26.63
CA HIS A 383 20.87 0.09 -27.51
C HIS A 383 21.99 0.86 -26.83
N ILE A 384 21.78 1.27 -25.58
CA ILE A 384 22.81 2.02 -24.86
C ILE A 384 24.06 1.23 -24.53
N GLU A 385 23.92 -0.07 -24.31
CA GLU A 385 25.09 -0.87 -24.02
C GLU A 385 25.81 -1.13 -25.35
N SER A 386 25.07 -1.14 -26.45
CA SER A 386 25.67 -1.38 -27.76
C SER A 386 26.54 -0.22 -28.25
N ILE A 387 26.53 0.90 -27.52
CA ILE A 387 27.34 2.07 -27.88
C ILE A 387 28.04 2.60 -26.64
N ARG A 388 28.15 1.74 -25.64
CA ARG A 388 28.76 2.12 -24.36
C ARG A 388 30.20 2.59 -24.43
N GLU A 389 30.77 2.56 -25.63
CA GLU A 389 32.15 2.99 -25.80
C GLU A 389 32.27 4.43 -26.31
N ASP A 390 31.28 4.87 -27.06
CA ASP A 390 31.24 6.21 -27.63
C ASP A 390 30.76 7.20 -26.55
N LYS A 391 31.65 7.55 -25.63
CA LYS A 391 31.33 8.46 -24.54
C LYS A 391 30.71 9.79 -24.99
N GLU A 392 31.17 10.32 -26.11
CA GLU A 392 30.65 11.58 -26.61
C GLU A 392 29.18 11.45 -27.02
N ARG A 393 28.84 10.31 -27.63
CA ARG A 393 27.47 10.09 -28.05
C ARG A 393 26.56 9.88 -26.84
N LEU A 394 27.10 9.30 -25.78
CA LEU A 394 26.34 9.08 -24.56
C LEU A 394 25.94 10.42 -23.94
N PHE A 395 26.94 11.29 -23.76
CA PHE A 395 26.69 12.61 -23.19
C PHE A 395 25.58 13.29 -23.95
N SER A 396 25.72 13.29 -25.27
CA SER A 396 24.73 13.90 -26.15
C SER A 396 23.34 13.30 -25.91
N PHE A 397 23.30 11.99 -25.74
CA PHE A 397 22.02 11.31 -25.53
C PHE A 397 21.34 11.70 -24.23
N PHE A 398 22.09 11.69 -23.14
CA PHE A 398 21.53 12.02 -21.82
C PHE A 398 21.63 13.49 -21.41
N GLN A 399 22.16 14.33 -22.30
CA GLN A 399 22.31 15.75 -21.99
C GLN A 399 20.96 16.42 -21.73
N PRO A 400 19.97 16.16 -22.59
CA PRO A 400 18.68 16.80 -22.33
C PRO A 400 18.15 16.55 -20.92
N VAL A 401 18.01 15.29 -20.51
CA VAL A 401 17.50 14.98 -19.17
C VAL A 401 18.46 15.40 -18.07
N LEU A 402 19.76 15.24 -18.29
CA LEU A 402 20.73 15.64 -17.28
C LEU A 402 20.57 17.12 -16.97
N ASN A 403 20.15 17.90 -17.96
CA ASN A 403 19.97 19.33 -17.77
C ASN A 403 18.67 19.67 -17.08
N LYS A 404 17.61 18.95 -17.43
CA LYS A 404 16.33 19.22 -16.81
C LYS A 404 16.35 18.87 -15.33
N ILE A 405 17.19 17.90 -14.96
CA ILE A 405 17.31 17.51 -13.57
C ILE A 405 17.97 18.64 -12.80
N MET A 406 19.04 19.19 -13.36
CA MET A 406 19.76 20.28 -12.71
C MET A 406 18.87 21.53 -12.63
N LYS A 407 18.13 21.80 -13.69
CA LYS A 407 17.22 22.94 -13.68
C LYS A 407 16.24 22.82 -12.51
N CYS A 408 15.78 21.59 -12.28
CA CYS A 408 14.84 21.33 -11.18
C CYS A 408 15.50 21.23 -9.83
N LEU A 409 16.81 21.04 -9.83
CA LEU A 409 17.54 20.95 -8.57
C LEU A 409 18.36 22.22 -8.31
N ASP A 410 17.88 23.32 -8.85
CA ASP A 410 18.50 24.64 -8.70
C ASP A 410 19.95 24.71 -9.23
N SER A 411 20.10 24.54 -10.55
CA SER A 411 21.43 24.60 -11.17
C SER A 411 21.33 24.91 -12.65
N GLU A 412 22.46 24.80 -13.33
CA GLU A 412 22.50 25.10 -14.75
C GLU A 412 22.90 23.90 -15.58
N ASP A 413 22.91 24.10 -16.90
CA ASP A 413 23.27 23.05 -17.81
C ASP A 413 24.60 22.40 -17.43
N VAL A 414 24.75 21.13 -17.77
CA VAL A 414 25.96 20.40 -17.45
C VAL A 414 27.07 20.71 -18.45
N ILE A 415 28.29 20.72 -17.97
CA ILE A 415 29.44 21.00 -18.84
C ILE A 415 30.28 19.73 -19.00
N ASP A 416 30.51 19.34 -20.25
CA ASP A 416 31.30 18.15 -20.57
C ASP A 416 32.76 18.36 -20.25
N GLY A 417 33.22 17.73 -19.18
CA GLY A 417 34.61 17.86 -18.80
C GLY A 417 35.24 16.49 -18.72
N MET A 418 34.78 15.57 -19.58
CA MET A 418 35.32 14.22 -19.59
C MET A 418 36.77 14.21 -20.09
N ARG A 419 37.16 15.26 -20.80
CA ARG A 419 38.52 15.38 -21.32
C ARG A 419 39.26 16.53 -20.63
N ALA A 427 32.53 27.99 -12.15
CA ALA A 427 32.98 27.64 -10.81
C ALA A 427 31.92 26.94 -10.00
N ASN A 428 30.66 27.27 -10.25
CA ASN A 428 29.57 26.65 -9.52
C ASN A 428 28.65 25.83 -10.42
N LYS A 429 29.10 25.51 -11.63
CA LYS A 429 28.31 24.72 -12.56
C LYS A 429 28.78 23.26 -12.52
N PRO A 430 27.84 22.31 -12.67
CA PRO A 430 28.15 20.88 -12.64
C PRO A 430 28.95 20.40 -13.85
N VAL A 431 30.10 19.77 -13.59
CA VAL A 431 30.94 19.27 -14.67
C VAL A 431 31.08 17.75 -14.67
N LEU A 432 30.57 17.14 -15.75
CA LEU A 432 30.63 15.70 -15.92
C LEU A 432 32.07 15.29 -16.23
N ARG A 433 32.57 14.32 -15.48
CA ARG A 433 33.93 13.86 -15.69
C ARG A 433 33.99 12.46 -16.31
N ASN A 434 33.02 11.61 -15.96
CA ASN A 434 33.02 10.24 -16.44
C ASN A 434 31.62 9.65 -16.64
N ILE A 435 31.56 8.64 -17.50
CA ILE A 435 30.32 7.92 -17.78
C ILE A 435 30.69 6.44 -17.86
N ILE A 436 30.22 5.68 -16.87
CA ILE A 436 30.46 4.23 -16.81
C ILE A 436 29.15 3.58 -17.22
N VAL A 437 29.23 2.46 -17.93
CA VAL A 437 28.02 1.77 -18.39
C VAL A 437 28.10 0.28 -18.15
N SER A 438 26.95 -0.32 -17.86
CA SER A 438 26.84 -1.75 -17.63
C SER A 438 27.04 -2.46 -18.96
N ASN A 439 27.11 -3.78 -18.95
CA ASN A 439 27.29 -4.54 -20.18
C ASN A 439 26.65 -5.93 -20.05
N TRP A 440 25.67 -6.06 -19.15
CA TRP A 440 25.03 -7.35 -18.93
C TRP A 440 24.37 -8.02 -20.12
N THR A 441 23.74 -7.26 -21.02
CA THR A 441 23.09 -7.88 -22.16
C THR A 441 24.06 -8.51 -23.16
N ARG A 442 25.20 -7.87 -23.39
CA ARG A 442 26.19 -8.37 -24.34
C ARG A 442 27.17 -9.40 -23.76
N ASP A 443 27.38 -9.37 -22.45
CA ASP A 443 28.28 -10.30 -21.76
C ASP A 443 27.76 -11.74 -21.89
N PRO A 444 28.53 -12.62 -22.53
CA PRO A 444 28.12 -14.02 -22.72
C PRO A 444 27.73 -14.82 -21.46
N TYR A 445 28.29 -14.47 -20.31
CA TYR A 445 27.97 -15.21 -19.08
C TYR A 445 26.84 -14.63 -18.22
N SER A 446 26.11 -13.66 -18.77
CA SER A 446 24.95 -13.06 -18.09
C SER A 446 23.79 -13.00 -19.08
N ARG A 447 24.07 -12.51 -20.29
CA ARG A 447 23.05 -12.41 -21.34
C ARG A 447 21.71 -11.83 -20.84
N GLY A 448 21.78 -10.64 -20.24
CA GLY A 448 20.59 -10.00 -19.72
C GLY A 448 20.80 -9.63 -18.26
N ALA A 449 19.74 -9.20 -17.59
CA ALA A 449 19.83 -8.81 -16.19
C ALA A 449 19.36 -9.89 -15.21
N TYR A 450 18.10 -10.31 -15.34
CA TYR A 450 17.53 -11.34 -14.49
C TYR A 450 16.17 -11.78 -15.05
N SER A 451 15.59 -12.83 -14.46
CA SER A 451 14.32 -13.38 -14.92
C SER A 451 13.18 -12.36 -14.84
N ALA A 452 12.32 -12.36 -15.86
CA ALA A 452 11.20 -11.43 -15.93
C ALA A 452 10.08 -12.04 -16.78
N CYS A 453 8.86 -11.52 -16.64
CA CYS A 453 7.73 -12.07 -17.37
C CYS A 453 7.16 -11.22 -18.50
N PHE A 454 6.90 -11.88 -19.62
CA PHE A 454 6.28 -11.25 -20.78
C PHE A 454 4.81 -11.62 -20.57
N PRO A 455 3.88 -10.90 -21.20
CA PRO A 455 2.50 -11.32 -20.94
C PRO A 455 2.25 -12.78 -21.34
N GLY A 456 1.62 -13.53 -20.43
CA GLY A 456 1.34 -14.93 -20.68
C GLY A 456 2.28 -15.84 -19.89
N ASP A 457 3.36 -15.27 -19.38
CA ASP A 457 4.34 -16.03 -18.61
C ASP A 457 3.89 -16.47 -17.22
N ASP A 458 4.52 -17.54 -16.74
CA ASP A 458 4.24 -18.07 -15.41
C ASP A 458 5.56 -18.56 -14.83
N PRO A 459 6.22 -17.75 -13.98
CA PRO A 459 7.50 -18.10 -13.37
C PRO A 459 7.50 -19.41 -12.58
N VAL A 460 6.32 -19.80 -12.07
CA VAL A 460 6.21 -21.02 -11.29
C VAL A 460 6.76 -22.27 -11.99
N ASP A 461 6.40 -22.45 -13.25
CA ASP A 461 6.88 -23.61 -14.00
C ASP A 461 8.39 -23.78 -13.87
N MET A 462 9.14 -22.71 -14.15
CA MET A 462 10.58 -22.72 -14.06
C MET A 462 11.07 -23.00 -12.64
N VAL A 463 10.54 -22.27 -11.66
CA VAL A 463 10.95 -22.46 -10.27
C VAL A 463 10.75 -23.92 -9.82
N VAL A 464 9.66 -24.53 -10.26
CA VAL A 464 9.33 -25.91 -9.93
C VAL A 464 10.31 -26.89 -10.58
N ALA A 465 10.49 -26.77 -11.88
CA ALA A 465 11.40 -27.64 -12.61
C ALA A 465 12.85 -27.51 -12.10
N MET A 466 13.26 -26.31 -11.74
CA MET A 466 14.61 -26.05 -11.25
C MET A 466 14.83 -26.59 -9.85
N SER A 467 13.92 -26.30 -8.94
CA SER A 467 14.05 -26.75 -7.56
C SER A 467 13.97 -28.28 -7.40
N ASN A 468 13.43 -28.98 -8.39
CA ASN A 468 13.36 -30.42 -8.30
C ASN A 468 14.57 -31.09 -8.95
N GLY A 469 15.41 -30.28 -9.61
CA GLY A 469 16.62 -30.79 -10.26
C GLY A 469 16.47 -31.61 -11.53
N GLN A 470 17.58 -31.79 -12.25
CA GLN A 470 17.58 -32.58 -13.49
C GLN A 470 17.39 -34.02 -13.04
N ASP A 471 17.99 -34.33 -11.89
CA ASP A 471 17.88 -35.64 -11.23
C ASP A 471 18.49 -35.53 -9.84
N SER A 472 18.65 -36.66 -9.15
CA SER A 472 19.19 -36.67 -7.79
C SER A 472 20.59 -36.09 -7.60
N ARG A 473 21.41 -36.08 -8.64
CA ARG A 473 22.78 -35.59 -8.51
C ARG A 473 23.02 -34.25 -9.21
N ILE A 474 22.17 -33.90 -10.15
CA ILE A 474 22.32 -32.66 -10.91
C ILE A 474 21.28 -31.65 -10.45
N ARG A 475 21.74 -30.65 -9.71
CA ARG A 475 20.85 -29.64 -9.14
C ARG A 475 21.02 -28.22 -9.70
N PHE A 476 20.12 -27.33 -9.29
CA PHE A 476 20.17 -25.96 -9.75
C PHE A 476 19.97 -24.97 -8.63
N ALA A 477 20.64 -23.82 -8.74
CA ALA A 477 20.52 -22.76 -7.77
C ALA A 477 20.54 -21.47 -8.60
N GLY A 478 20.26 -20.34 -7.96
CA GLY A 478 20.27 -19.07 -8.69
C GLY A 478 18.95 -18.31 -8.52
N GLU A 479 18.97 -17.01 -8.81
CA GLU A 479 17.79 -16.16 -8.68
C GLU A 479 16.55 -16.67 -9.40
N HIS A 480 16.74 -17.48 -10.43
CA HIS A 480 15.60 -18.01 -11.19
C HIS A 480 15.11 -19.35 -10.68
N THR A 481 15.62 -19.80 -9.54
CA THR A 481 15.23 -21.12 -9.05
C THR A 481 14.50 -21.13 -7.69
N ILE A 482 13.77 -20.07 -7.38
CA ILE A 482 13.11 -20.02 -6.08
C ILE A 482 12.00 -18.95 -6.04
N MET A 483 10.99 -19.18 -5.19
CA MET A 483 9.87 -18.25 -5.05
C MET A 483 10.23 -16.99 -4.25
N ASP A 484 10.51 -17.15 -2.95
CA ASP A 484 10.86 -16.01 -2.12
C ASP A 484 12.22 -15.46 -2.56
N GLY A 485 12.24 -14.19 -2.95
CA GLY A 485 13.49 -13.59 -3.38
C GLY A 485 13.79 -13.83 -4.84
N ALA A 486 12.79 -14.25 -5.61
CA ALA A 486 13.00 -14.48 -7.03
C ALA A 486 13.56 -13.21 -7.68
N GLY A 487 14.61 -13.35 -8.48
CA GLY A 487 15.21 -12.22 -9.14
C GLY A 487 16.19 -11.45 -8.28
N CYS A 488 16.06 -11.56 -6.96
CA CYS A 488 16.94 -10.84 -6.04
C CYS A 488 18.21 -11.58 -5.61
N ALA A 489 19.17 -10.82 -5.09
CA ALA A 489 20.42 -11.39 -4.62
C ALA A 489 20.17 -12.33 -3.45
N TYR A 490 19.20 -12.00 -2.59
CA TYR A 490 18.93 -12.88 -1.45
C TYR A 490 18.20 -14.15 -1.87
N GLY A 491 17.49 -14.10 -2.99
CA GLY A 491 16.84 -15.30 -3.46
C GLY A 491 17.92 -16.29 -3.90
N ALA A 492 18.83 -15.83 -4.74
CA ALA A 492 19.92 -16.69 -5.22
C ALA A 492 20.64 -17.25 -4.01
N TRP A 493 21.06 -16.35 -3.13
CA TRP A 493 21.76 -16.70 -1.90
C TRP A 493 21.07 -17.88 -1.23
N GLU A 494 19.77 -17.71 -0.95
CA GLU A 494 18.98 -18.74 -0.31
C GLU A 494 18.91 -20.02 -1.12
N SER A 495 18.83 -19.91 -2.44
CA SER A 495 18.75 -21.09 -3.30
C SER A 495 20.07 -21.86 -3.21
N GLY A 496 21.15 -21.14 -2.97
CA GLY A 496 22.44 -21.79 -2.85
C GLY A 496 22.49 -22.54 -1.55
N ARG A 497 21.94 -21.93 -0.49
CA ARG A 497 21.93 -22.55 0.83
C ARG A 497 21.06 -23.80 0.79
N ARG A 498 19.99 -23.75 0.00
CA ARG A 498 19.05 -24.86 -0.15
C ARG A 498 19.71 -26.12 -0.73
N GLU A 499 20.24 -25.99 -1.95
CA GLU A 499 20.85 -27.13 -2.61
C GLU A 499 22.03 -27.73 -1.85
N ALA A 500 22.78 -26.89 -1.16
CA ALA A 500 23.94 -27.37 -0.40
C ALA A 500 23.51 -28.11 0.87
N THR A 501 22.40 -27.69 1.47
CA THR A 501 21.93 -28.34 2.68
C THR A 501 21.41 -29.75 2.37
N ARG A 502 20.59 -29.86 1.33
CA ARG A 502 20.05 -31.16 0.94
C ARG A 502 21.17 -32.15 0.64
N ILE A 503 22.20 -31.67 -0.05
CA ILE A 503 23.34 -32.50 -0.41
C ILE A 503 24.13 -32.90 0.85
N SER A 504 24.41 -31.92 1.70
CA SER A 504 25.14 -32.18 2.93
C SER A 504 24.52 -33.34 3.69
N ASP A 505 23.20 -33.27 3.88
CA ASP A 505 22.50 -34.34 4.59
C ASP A 505 22.72 -35.70 3.92
N LEU A 506 22.61 -35.73 2.60
CA LEU A 506 22.78 -36.98 1.86
C LEU A 506 24.19 -37.52 2.00
N LEU A 507 25.19 -36.64 1.94
CA LEU A 507 26.57 -37.06 2.08
C LEU A 507 26.74 -37.44 3.54
N LYS A 508 26.09 -36.66 4.41
CA LYS A 508 26.13 -36.85 5.84
C LYS A 508 25.76 -38.31 6.15
N LEU A 509 24.83 -38.85 5.38
CA LEU A 509 24.42 -40.24 5.55
C LEU A 509 25.41 -41.16 4.84
N GLU A 510 26.64 -41.20 5.36
CA GLU A 510 27.68 -42.03 4.77
C GLU A 510 28.90 -42.11 5.67
N LYS B 8 -51.32 -6.99 10.73
CA LYS B 8 -51.85 -5.85 9.92
C LYS B 8 -50.90 -5.48 8.77
N LYS B 9 -49.65 -5.93 8.85
CA LYS B 9 -48.68 -5.61 7.81
C LYS B 9 -47.85 -6.81 7.33
N LYS B 10 -47.28 -6.67 6.14
CA LYS B 10 -46.45 -7.73 5.56
C LYS B 10 -45.01 -7.64 6.05
N VAL B 11 -44.44 -6.44 6.01
CA VAL B 11 -43.07 -6.22 6.49
C VAL B 11 -42.99 -4.95 7.33
N ILE B 12 -42.28 -5.04 8.45
CA ILE B 12 -42.12 -3.89 9.32
C ILE B 12 -40.64 -3.61 9.54
N ILE B 13 -40.20 -2.47 9.02
CA ILE B 13 -38.81 -2.05 9.15
C ILE B 13 -38.65 -1.10 10.34
N ILE B 14 -37.68 -1.40 11.19
CA ILE B 14 -37.44 -0.58 12.37
C ILE B 14 -36.16 0.22 12.13
N GLY B 15 -36.32 1.55 12.06
CA GLY B 15 -35.19 2.44 11.82
C GLY B 15 -35.26 3.02 10.42
N ALA B 16 -35.11 4.34 10.31
CA ALA B 16 -35.17 5.03 9.02
C ALA B 16 -33.80 5.54 8.60
N GLY B 17 -32.76 4.80 8.93
CA GLY B 17 -31.43 5.17 8.51
C GLY B 17 -31.33 4.66 7.08
N ILE B 18 -30.15 4.72 6.48
CA ILE B 18 -30.00 4.28 5.10
C ILE B 18 -30.33 2.79 4.92
N ALA B 19 -30.03 1.95 5.90
CA ALA B 19 -30.35 0.53 5.77
C ALA B 19 -31.86 0.32 5.62
N GLY B 20 -32.62 0.78 6.60
CA GLY B 20 -34.06 0.64 6.57
C GLY B 20 -34.72 1.38 5.43
N LEU B 21 -34.13 2.50 5.03
CA LEU B 21 -34.68 3.27 3.92
C LEU B 21 -34.49 2.50 2.63
N LYS B 22 -33.31 1.89 2.45
CA LYS B 22 -33.06 1.11 1.25
C LYS B 22 -34.02 -0.08 1.26
N ALA B 23 -34.04 -0.81 2.37
CA ALA B 23 -34.92 -1.98 2.51
C ALA B 23 -36.34 -1.63 2.07
N ALA B 24 -36.83 -0.48 2.53
CA ALA B 24 -38.16 -0.02 2.16
C ALA B 24 -38.22 0.25 0.66
N SER B 25 -37.18 0.89 0.15
CA SER B 25 -37.08 1.21 -1.27
C SER B 25 -37.14 -0.05 -2.14
N THR B 26 -36.53 -1.13 -1.64
CA THR B 26 -36.50 -2.39 -2.34
C THR B 26 -37.89 -3.03 -2.37
N LEU B 27 -38.46 -3.25 -1.19
CA LEU B 27 -39.79 -3.85 -1.07
C LEU B 27 -40.74 -3.22 -2.05
N HIS B 28 -40.79 -1.89 -2.06
CA HIS B 28 -41.66 -1.16 -2.96
C HIS B 28 -41.29 -1.50 -4.40
N GLN B 29 -40.01 -1.38 -4.69
CA GLN B 29 -39.51 -1.68 -6.02
C GLN B 29 -40.04 -3.03 -6.50
N ASN B 30 -40.10 -4.00 -5.59
CA ASN B 30 -40.59 -5.32 -5.92
C ASN B 30 -42.10 -5.49 -5.76
N GLY B 31 -42.82 -4.39 -5.97
CA GLY B 31 -44.27 -4.41 -5.87
C GLY B 31 -44.91 -4.75 -4.53
N ILE B 32 -44.09 -5.09 -3.52
CA ILE B 32 -44.66 -5.42 -2.22
C ILE B 32 -45.46 -4.22 -1.69
N GLN B 33 -46.41 -4.51 -0.80
CA GLN B 33 -47.25 -3.46 -0.23
C GLN B 33 -47.54 -3.70 1.26
N ASP B 34 -48.23 -2.75 1.87
CA ASP B 34 -48.60 -2.85 3.28
C ASP B 34 -47.42 -3.04 4.22
N CYS B 35 -46.45 -2.13 4.13
CA CYS B 35 -45.27 -2.18 4.97
C CYS B 35 -45.16 -0.87 5.75
N LEU B 36 -44.32 -0.85 6.77
CA LEU B 36 -44.11 0.34 7.58
C LEU B 36 -42.66 0.57 7.97
N VAL B 37 -42.30 1.83 8.20
CA VAL B 37 -40.95 2.20 8.61
C VAL B 37 -41.08 3.00 9.91
N LEU B 38 -40.87 2.32 11.03
CA LEU B 38 -40.97 2.95 12.35
C LEU B 38 -39.63 3.55 12.76
N GLU B 39 -39.59 4.87 12.93
CA GLU B 39 -38.36 5.59 13.30
C GLU B 39 -38.55 6.36 14.61
N ALA B 40 -37.61 6.17 15.54
CA ALA B 40 -37.69 6.83 16.84
C ALA B 40 -37.45 8.33 16.80
N ARG B 41 -36.53 8.78 15.93
CA ARG B 41 -36.24 10.21 15.82
C ARG B 41 -37.34 10.91 15.03
N ASP B 42 -37.38 12.23 15.08
CA ASP B 42 -38.39 12.96 14.32
C ASP B 42 -37.88 13.30 12.92
N ARG B 43 -36.93 12.51 12.42
CA ARG B 43 -36.33 12.71 11.10
C ARG B 43 -35.78 11.39 10.54
N VAL B 44 -35.59 11.32 9.22
CA VAL B 44 -35.03 10.11 8.60
C VAL B 44 -33.55 10.39 8.47
N GLY B 45 -32.77 9.36 8.15
CA GLY B 45 -31.35 9.55 7.96
C GLY B 45 -30.44 8.83 8.94
N GLY B 46 -30.88 8.72 10.18
CA GLY B 46 -30.07 8.04 11.19
C GLY B 46 -28.71 8.67 11.36
N ARG B 47 -27.65 7.86 11.20
CA ARG B 47 -26.31 8.40 11.35
C ARG B 47 -25.85 9.25 10.16
N LEU B 48 -26.79 9.53 9.25
CA LEU B 48 -26.54 10.41 8.11
C LEU B 48 -27.39 11.66 8.41
N GLN B 49 -26.74 12.77 8.76
CA GLN B 49 -27.44 14.03 9.05
C GLN B 49 -26.65 15.22 8.53
N THR B 50 -27.31 16.08 7.77
CA THR B 50 -26.65 17.25 7.23
C THR B 50 -27.27 18.45 7.94
N VAL B 51 -26.46 19.20 8.68
CA VAL B 51 -26.97 20.34 9.42
C VAL B 51 -26.57 21.63 8.73
N THR B 52 -27.22 22.73 9.11
CA THR B 52 -26.92 24.01 8.48
C THR B 52 -26.25 24.96 9.47
N GLY B 53 -25.25 25.69 9.00
CA GLY B 53 -24.57 26.62 9.86
C GLY B 53 -24.63 28.09 9.46
N TYR B 54 -23.47 28.73 9.57
CA TYR B 54 -23.29 30.14 9.26
C TYR B 54 -23.45 30.45 7.77
N GLN B 55 -24.18 31.53 7.47
CA GLN B 55 -24.42 31.95 6.09
C GLN B 55 -24.95 30.84 5.20
N GLY B 56 -25.74 29.94 5.78
CA GLY B 56 -26.29 28.83 5.02
C GLY B 56 -25.35 27.68 4.67
N ARG B 57 -24.13 27.64 5.20
CA ARG B 57 -23.24 26.52 4.87
C ARG B 57 -23.85 25.21 5.42
N LYS B 58 -23.58 24.11 4.72
CA LYS B 58 -24.09 22.80 5.14
C LYS B 58 -22.92 21.85 5.45
N TYR B 59 -23.14 20.94 6.39
CA TYR B 59 -22.11 19.98 6.77
C TYR B 59 -22.72 18.65 7.16
N ASP B 60 -22.07 17.56 6.77
CA ASP B 60 -22.54 16.25 7.18
C ASP B 60 -21.93 16.06 8.57
N ILE B 61 -22.78 15.98 9.59
CA ILE B 61 -22.33 15.82 10.98
C ILE B 61 -22.10 14.34 11.26
N GLY B 62 -22.61 13.49 10.37
CA GLY B 62 -22.43 12.06 10.49
C GLY B 62 -21.50 11.64 9.37
N ALA B 63 -21.92 10.69 8.54
CA ALA B 63 -21.08 10.25 7.43
C ALA B 63 -20.83 11.39 6.44
N SER B 64 -19.61 11.44 5.92
CA SER B 64 -19.18 12.46 4.96
C SER B 64 -18.67 11.93 3.62
N TRP B 65 -17.97 10.79 3.67
CA TRP B 65 -17.38 10.21 2.47
C TRP B 65 -17.98 8.93 1.93
N HIS B 66 -17.74 8.73 0.64
CA HIS B 66 -18.10 7.51 -0.09
C HIS B 66 -16.72 6.84 -0.08
N HIS B 67 -16.59 5.71 0.61
CA HIS B 67 -15.29 5.01 0.66
C HIS B 67 -15.29 3.92 -0.43
N ASP B 68 -14.11 3.38 -0.71
CA ASP B 68 -13.94 2.30 -1.69
C ASP B 68 -14.67 2.57 -3.00
N THR B 69 -14.41 3.72 -3.61
CA THR B 69 -15.08 4.10 -4.85
C THR B 69 -14.85 3.19 -6.05
N LEU B 70 -13.91 2.25 -5.95
CA LEU B 70 -13.68 1.32 -7.07
C LEU B 70 -14.75 0.26 -7.08
N THR B 71 -15.32 -0.03 -5.92
CA THR B 71 -16.33 -1.06 -5.79
C THR B 71 -17.58 -0.71 -4.99
N ASN B 72 -17.57 0.43 -4.31
CA ASN B 72 -18.75 0.83 -3.53
C ASN B 72 -19.95 1.02 -4.46
N PRO B 73 -20.96 0.13 -4.36
CA PRO B 73 -22.16 0.20 -5.21
C PRO B 73 -23.05 1.42 -5.02
N LEU B 74 -23.11 1.98 -3.82
CA LEU B 74 -23.94 3.15 -3.61
C LEU B 74 -23.26 4.31 -4.34
N PHE B 75 -21.92 4.36 -4.26
CA PHE B 75 -21.18 5.41 -4.94
C PHE B 75 -21.32 5.27 -6.47
N LEU B 76 -21.18 4.04 -6.97
CA LEU B 76 -21.30 3.80 -8.41
C LEU B 76 -22.68 4.24 -8.91
N GLU B 77 -23.71 3.96 -8.11
CA GLU B 77 -25.06 4.37 -8.47
C GLU B 77 -25.15 5.90 -8.56
N GLU B 78 -24.59 6.58 -7.56
CA GLU B 78 -24.60 8.04 -7.51
C GLU B 78 -23.82 8.63 -8.68
N ALA B 79 -22.77 7.93 -9.10
CA ALA B 79 -21.96 8.40 -10.19
C ALA B 79 -22.74 8.31 -11.51
N GLN B 80 -23.55 7.27 -11.65
CA GLN B 80 -24.33 7.12 -12.86
C GLN B 80 -25.37 8.24 -12.97
N LEU B 81 -25.94 8.63 -11.83
CA LEU B 81 -26.91 9.71 -11.80
C LEU B 81 -26.24 11.01 -12.28
N SER B 82 -25.03 11.26 -11.81
CA SER B 82 -24.30 12.49 -12.17
C SER B 82 -23.89 12.55 -13.63
N LEU B 83 -23.73 11.38 -14.25
CA LEU B 83 -23.34 11.30 -15.66
C LEU B 83 -24.57 11.64 -16.49
N ASN B 84 -25.74 11.27 -15.98
CA ASN B 84 -26.98 11.55 -16.68
C ASN B 84 -27.43 13.01 -16.58
N ASP B 85 -27.47 13.57 -15.37
CA ASP B 85 -27.91 14.96 -15.21
C ASP B 85 -26.84 16.02 -14.98
N GLY B 86 -25.58 15.60 -14.95
CA GLY B 86 -24.50 16.55 -14.72
C GLY B 86 -24.52 17.24 -13.36
N ARG B 87 -25.41 16.81 -12.48
CA ARG B 87 -25.48 17.43 -11.16
C ARG B 87 -24.34 16.94 -10.28
N THR B 88 -23.68 17.86 -9.58
CA THR B 88 -22.57 17.52 -8.71
C THR B 88 -23.05 16.88 -7.42
N ARG B 89 -22.66 15.63 -7.20
CA ARG B 89 -23.07 14.89 -6.02
C ARG B 89 -21.92 14.62 -5.07
N PHE B 90 -20.70 14.80 -5.56
CA PHE B 90 -19.53 14.54 -4.74
C PHE B 90 -18.27 15.13 -5.37
N VAL B 91 -17.16 15.08 -4.64
CA VAL B 91 -15.87 15.58 -5.12
C VAL B 91 -14.77 14.72 -4.52
N PHE B 92 -13.82 14.30 -5.36
CA PHE B 92 -12.71 13.50 -4.90
C PHE B 92 -11.74 14.42 -4.16
N ASP B 93 -11.79 14.36 -2.83
CA ASP B 93 -10.96 15.23 -2.01
C ASP B 93 -9.68 14.66 -1.40
N ASP B 94 -9.25 13.47 -1.81
CA ASP B 94 -8.03 12.92 -1.23
C ASP B 94 -6.90 13.89 -1.55
N ASP B 95 -5.98 14.07 -0.62
CA ASP B 95 -4.89 15.01 -0.83
C ASP B 95 -3.66 14.52 -0.06
N ASN B 96 -2.57 15.26 -0.19
CA ASN B 96 -1.35 14.93 0.53
C ASN B 96 -1.50 15.53 1.92
N PHE B 97 -1.44 14.68 2.93
CA PHE B 97 -1.61 15.13 4.30
C PHE B 97 -0.51 16.02 4.83
N ILE B 98 -0.91 17.02 5.60
CA ILE B 98 0.06 17.91 6.23
C ILE B 98 0.05 17.45 7.69
N TYR B 99 1.23 17.29 8.27
CA TYR B 99 1.31 16.84 9.65
C TYR B 99 1.97 17.94 10.46
N ILE B 100 1.32 18.35 11.54
CA ILE B 100 1.84 19.42 12.37
C ILE B 100 2.11 19.01 13.81
N ASP B 101 3.32 19.25 14.28
CA ASP B 101 3.68 18.96 15.66
C ASP B 101 3.78 20.32 16.32
N GLU B 102 3.25 20.44 17.53
CA GLU B 102 3.25 21.71 18.24
C GLU B 102 4.59 22.44 18.32
N GLU B 103 5.64 21.70 18.64
CA GLU B 103 6.96 22.32 18.78
C GLU B 103 7.73 22.42 17.46
N ARG B 104 7.70 21.35 16.67
CA ARG B 104 8.45 21.32 15.42
C ARG B 104 7.79 21.95 14.19
N GLY B 105 6.48 22.02 14.19
CA GLY B 105 5.80 22.57 13.04
C GLY B 105 5.45 21.43 12.10
N ARG B 106 5.59 21.66 10.80
CA ARG B 106 5.26 20.63 9.83
C ARG B 106 6.33 19.53 9.79
N VAL B 107 5.89 18.28 9.79
CA VAL B 107 6.80 17.14 9.73
C VAL B 107 6.49 16.22 8.54
N ASP B 108 5.60 16.65 7.66
CA ASP B 108 5.19 15.85 6.50
C ASP B 108 6.14 16.01 5.32
N HIS B 109 6.35 14.92 4.58
CA HIS B 109 7.19 14.97 3.39
C HIS B 109 8.54 15.57 3.77
N ASP B 110 9.10 15.12 4.89
CA ASP B 110 10.37 15.63 5.41
C ASP B 110 11.59 14.90 4.86
N LYS B 111 12.51 15.65 4.25
CA LYS B 111 13.72 15.09 3.65
C LYS B 111 14.60 14.35 4.65
N GLU B 112 14.40 14.58 5.93
CA GLU B 112 15.22 13.91 6.94
C GLU B 112 14.38 12.90 7.72
N LEU B 113 13.15 13.27 8.09
CA LEU B 113 12.25 12.40 8.85
C LEU B 113 11.67 11.26 8.02
N LEU B 114 11.23 11.58 6.80
CA LEU B 114 10.66 10.58 5.91
C LEU B 114 9.69 9.65 6.64
N LEU B 115 8.86 10.24 7.48
CA LEU B 115 7.89 9.51 8.29
C LEU B 115 6.89 8.65 7.51
N GLU B 116 6.42 9.15 6.37
CA GLU B 116 5.48 8.40 5.57
C GLU B 116 6.07 7.08 5.07
N ILE B 117 7.38 7.04 4.88
CA ILE B 117 8.02 5.81 4.41
C ILE B 117 8.14 4.78 5.53
N VAL B 118 8.41 5.22 6.74
CA VAL B 118 8.51 4.27 7.84
C VAL B 118 7.11 3.85 8.26
N ASP B 119 6.13 4.77 8.18
CA ASP B 119 4.76 4.42 8.51
C ASP B 119 4.33 3.28 7.59
N ASN B 120 4.79 3.35 6.35
CA ASN B 120 4.45 2.32 5.39
C ASN B 120 5.13 1.01 5.74
N GLU B 121 6.36 1.09 6.24
CA GLU B 121 7.07 -0.13 6.63
C GLU B 121 6.29 -0.72 7.80
N MET B 122 5.96 0.16 8.75
CA MET B 122 5.20 -0.18 9.93
C MET B 122 3.97 -0.98 9.50
N SER B 123 3.32 -0.49 8.45
CA SER B 123 2.12 -1.15 7.94
C SER B 123 2.38 -2.59 7.51
N LYS B 124 3.48 -2.83 6.81
CA LYS B 124 3.81 -4.18 6.33
C LYS B 124 4.25 -5.07 7.49
N PHE B 125 4.81 -4.45 8.51
CA PHE B 125 5.23 -5.18 9.70
C PHE B 125 3.95 -5.81 10.26
N ALA B 126 2.92 -4.97 10.43
CA ALA B 126 1.63 -5.41 10.95
C ALA B 126 1.06 -6.58 10.17
N GLU B 127 0.96 -6.45 8.85
CA GLU B 127 0.45 -7.53 8.02
C GLU B 127 1.22 -8.84 8.22
N LEU B 128 2.54 -8.74 8.28
CA LEU B 128 3.40 -9.91 8.47
C LEU B 128 3.21 -10.56 9.83
N GLU B 129 2.81 -9.78 10.83
CA GLU B 129 2.60 -10.32 12.17
C GLU B 129 1.35 -11.16 12.31
N PHE B 130 0.27 -10.75 11.67
CA PHE B 130 -0.99 -11.47 11.79
C PHE B 130 -1.31 -12.43 10.64
N HIS B 131 -0.62 -12.28 9.51
CA HIS B 131 -0.84 -13.15 8.36
C HIS B 131 -0.38 -14.58 8.62
N GLN B 132 -1.27 -15.54 8.38
CA GLN B 132 -0.93 -16.94 8.58
C GLN B 132 -0.33 -17.28 9.93
N HIS B 133 -1.15 -17.22 10.98
CA HIS B 133 -0.72 -17.52 12.34
C HIS B 133 -1.99 -17.78 13.14
N LEU B 134 -3.11 -17.38 12.56
CA LEU B 134 -4.43 -17.52 13.17
C LEU B 134 -4.49 -16.79 14.51
N GLY B 135 -4.47 -15.46 14.44
CA GLY B 135 -4.54 -14.63 15.62
C GLY B 135 -3.68 -15.02 16.81
N VAL B 136 -2.41 -15.34 16.57
CA VAL B 136 -1.50 -15.72 17.64
C VAL B 136 -1.35 -14.55 18.61
N SER B 137 -2.45 -14.22 19.29
CA SER B 137 -2.50 -13.14 20.28
C SER B 137 -2.77 -11.78 19.64
N ASP B 138 -3.83 -11.12 20.11
CA ASP B 138 -4.20 -9.80 19.61
C ASP B 138 -3.93 -8.75 20.66
N CYS B 139 -3.08 -7.78 20.35
CA CYS B 139 -2.78 -6.71 21.29
C CYS B 139 -3.46 -5.41 20.85
N SER B 140 -3.13 -4.31 21.51
CA SER B 140 -3.71 -3.03 21.16
C SER B 140 -2.80 -2.44 20.08
N PHE B 141 -3.35 -1.58 19.24
CA PHE B 141 -2.54 -0.97 18.18
C PHE B 141 -1.30 -0.35 18.83
N PHE B 142 -1.48 0.18 20.03
CA PHE B 142 -0.38 0.79 20.78
C PHE B 142 0.75 -0.23 20.99
N GLN B 143 0.40 -1.43 21.46
CA GLN B 143 1.40 -2.47 21.71
C GLN B 143 2.12 -2.88 20.43
N LEU B 144 1.35 -3.01 19.34
CA LEU B 144 1.92 -3.38 18.05
C LEU B 144 2.98 -2.36 17.62
N VAL B 145 2.67 -1.08 17.75
CA VAL B 145 3.63 -0.06 17.35
C VAL B 145 4.88 -0.18 18.22
N MET B 146 4.69 -0.54 19.49
CA MET B 146 5.83 -0.69 20.39
C MET B 146 6.72 -1.84 19.93
N LYS B 147 6.12 -2.95 19.49
CA LYS B 147 6.91 -4.08 19.01
C LYS B 147 7.74 -3.60 17.82
N TYR B 148 7.08 -2.99 16.85
CA TYR B 148 7.75 -2.50 15.66
C TYR B 148 8.96 -1.65 16.00
N LEU B 149 8.76 -0.64 16.84
CA LEU B 149 9.84 0.27 17.22
C LEU B 149 11.03 -0.46 17.82
N LEU B 150 10.72 -1.42 18.68
CA LEU B 150 11.74 -2.21 19.34
C LEU B 150 12.47 -3.06 18.31
N GLN B 151 11.70 -3.77 17.50
CA GLN B 151 12.28 -4.64 16.48
C GLN B 151 13.10 -3.94 15.40
N ARG B 152 12.76 -2.70 15.06
CA ARG B 152 13.49 -2.02 14.00
C ARG B 152 14.33 -0.80 14.36
N ARG B 153 14.52 -0.56 15.66
CA ARG B 153 15.31 0.59 16.12
C ARG B 153 16.71 0.66 15.51
N GLN B 154 17.27 -0.48 15.12
CA GLN B 154 18.60 -0.47 14.51
C GLN B 154 18.54 0.27 13.17
N PHE B 155 17.33 0.36 12.61
CA PHE B 155 17.14 1.00 11.31
C PHE B 155 16.20 2.20 11.38
N LEU B 156 16.15 2.84 12.55
CA LEU B 156 15.29 4.01 12.76
C LEU B 156 16.08 5.10 13.48
N THR B 157 16.01 6.33 12.98
CA THR B 157 16.73 7.43 13.63
C THR B 157 16.03 7.77 14.96
N ASN B 158 16.55 8.76 15.66
CA ASN B 158 15.95 9.15 16.94
C ASN B 158 14.62 9.88 16.74
N ASP B 159 14.57 10.77 15.76
CA ASP B 159 13.35 11.50 15.47
C ASP B 159 12.28 10.61 14.85
N GLN B 160 12.70 9.54 14.17
CA GLN B 160 11.74 8.64 13.59
C GLN B 160 11.03 7.87 14.69
N ILE B 161 11.77 7.49 15.72
CA ILE B 161 11.20 6.76 16.85
C ILE B 161 10.31 7.70 17.66
N ARG B 162 10.68 8.98 17.68
CA ARG B 162 9.89 9.94 18.42
C ARG B 162 8.60 10.30 17.74
N TYR B 163 8.67 10.68 16.47
CA TYR B 163 7.47 11.10 15.75
C TYR B 163 6.63 10.01 15.08
N LEU B 164 7.25 8.97 14.55
CA LEU B 164 6.50 7.91 13.87
C LEU B 164 5.27 7.43 14.63
N PRO B 165 5.44 6.99 15.89
CA PRO B 165 4.28 6.52 16.63
C PRO B 165 3.14 7.55 16.73
N GLN B 166 3.47 8.84 16.71
CA GLN B 166 2.42 9.85 16.78
C GLN B 166 1.71 10.04 15.45
N LEU B 167 2.46 9.97 14.35
CA LEU B 167 1.88 10.16 13.03
C LEU B 167 0.95 9.01 12.66
N CYS B 168 1.38 7.79 12.91
CA CYS B 168 0.58 6.63 12.58
C CYS B 168 -0.73 6.59 13.35
N ARG B 169 -0.87 7.43 14.36
CA ARG B 169 -2.10 7.43 15.12
C ARG B 169 -3.30 8.01 14.35
N TYR B 170 -3.06 8.56 13.16
CA TYR B 170 -4.16 9.09 12.36
C TYR B 170 -5.18 7.97 12.18
N LEU B 171 -4.71 6.72 12.29
CA LEU B 171 -5.58 5.56 12.17
C LEU B 171 -6.68 5.56 13.21
N GLU B 172 -6.44 6.24 14.33
CA GLU B 172 -7.45 6.34 15.38
C GLU B 172 -8.70 7.01 14.82
N LEU B 173 -8.52 8.03 13.99
CA LEU B 173 -9.66 8.72 13.42
C LEU B 173 -10.44 7.88 12.41
N TRP B 174 -9.95 6.69 12.10
CA TRP B 174 -10.65 5.82 11.17
C TRP B 174 -11.57 4.84 11.92
N HIS B 175 -11.24 4.56 13.18
CA HIS B 175 -12.04 3.66 14.00
C HIS B 175 -12.78 4.45 15.09
N GLY B 176 -12.28 5.64 15.39
CA GLY B 176 -12.87 6.48 16.42
C GLY B 176 -12.48 5.95 17.79
N LEU B 177 -11.30 5.34 17.84
CA LEU B 177 -10.80 4.74 19.07
C LEU B 177 -9.33 5.06 19.32
N ASP B 178 -9.00 5.34 20.59
CA ASP B 178 -7.63 5.64 20.99
C ASP B 178 -6.82 4.39 20.70
N TRP B 179 -5.52 4.53 20.44
CA TRP B 179 -4.73 3.34 20.11
C TRP B 179 -4.55 2.28 21.19
N LYS B 180 -4.94 2.56 22.42
CA LYS B 180 -4.80 1.56 23.48
C LYS B 180 -6.10 0.81 23.70
N LEU B 181 -7.17 1.25 23.04
CA LEU B 181 -8.47 0.59 23.17
C LEU B 181 -8.84 -0.10 21.86
N LEU B 182 -7.98 0.08 20.85
CA LEU B 182 -8.21 -0.45 19.52
C LEU B 182 -7.43 -1.72 19.20
N SER B 183 -8.15 -2.71 18.68
CA SER B 183 -7.57 -3.99 18.29
C SER B 183 -6.48 -3.82 17.24
N ALA B 184 -5.34 -4.45 17.46
CA ALA B 184 -4.23 -4.36 16.52
C ALA B 184 -4.57 -5.06 15.20
N LYS B 185 -5.27 -6.20 15.28
CA LYS B 185 -5.65 -6.97 14.10
C LYS B 185 -6.58 -6.27 13.13
N ASP B 186 -7.47 -5.43 13.65
CA ASP B 186 -8.43 -4.75 12.80
C ASP B 186 -7.98 -3.34 12.43
N THR B 187 -6.86 -2.89 13.00
CA THR B 187 -6.35 -1.56 12.73
C THR B 187 -6.22 -1.24 11.24
N TYR B 188 -5.51 -2.09 10.50
CA TYR B 188 -5.31 -1.85 9.07
C TYR B 188 -6.32 -2.54 8.18
N PHE B 189 -6.78 -1.82 7.17
CA PHE B 189 -7.75 -2.38 6.23
C PHE B 189 -7.44 -1.90 4.83
N GLY B 190 -7.91 -2.65 3.84
CA GLY B 190 -7.68 -2.27 2.46
C GLY B 190 -8.61 -1.16 2.01
N HIS B 191 -8.01 -0.16 1.35
CA HIS B 191 -8.73 0.98 0.83
C HIS B 191 -8.99 0.70 -0.66
N GLN B 192 -10.22 0.37 -1.01
CA GLN B 192 -10.54 0.05 -2.40
C GLN B 192 -10.61 1.25 -3.36
N GLY B 193 -9.58 2.10 -3.34
CA GLY B 193 -9.57 3.26 -4.22
C GLY B 193 -9.71 4.57 -3.47
N ARG B 194 -9.83 5.67 -4.20
CA ARG B 194 -9.97 6.98 -3.57
C ARG B 194 -11.30 7.16 -2.85
N ASN B 195 -11.37 8.23 -2.06
CA ASN B 195 -12.56 8.57 -1.31
C ASN B 195 -13.29 9.72 -2.01
N ALA B 196 -14.62 9.74 -1.91
CA ALA B 196 -15.37 10.84 -2.54
C ALA B 196 -16.20 11.55 -1.48
N PHE B 197 -15.88 12.81 -1.22
CA PHE B 197 -16.60 13.61 -0.23
C PHE B 197 -18.02 13.81 -0.75
N ALA B 198 -19.02 13.34 -0.01
CA ALA B 198 -20.40 13.51 -0.45
C ALA B 198 -20.78 14.99 -0.33
N LEU B 199 -21.31 15.56 -1.40
CA LEU B 199 -21.71 16.94 -1.32
C LEU B 199 -23.20 16.93 -1.07
N ASN B 200 -23.51 16.33 0.08
CA ASN B 200 -24.86 16.19 0.54
C ASN B 200 -25.30 14.75 0.70
N TYR B 201 -24.93 14.10 1.80
CA TYR B 201 -25.42 12.73 1.97
C TYR B 201 -26.92 12.85 2.18
N ASP B 202 -27.37 14.06 2.54
CA ASP B 202 -28.79 14.28 2.74
C ASP B 202 -29.54 14.14 1.42
N SER B 203 -28.81 14.36 0.31
CA SER B 203 -29.38 14.21 -1.03
C SER B 203 -29.57 12.72 -1.25
N VAL B 204 -28.60 11.93 -0.80
CA VAL B 204 -28.70 10.50 -0.95
C VAL B 204 -29.86 9.98 -0.11
N VAL B 205 -29.98 10.49 1.10
CA VAL B 205 -31.06 10.07 1.99
C VAL B 205 -32.42 10.45 1.40
N GLN B 206 -32.52 11.67 0.89
CA GLN B 206 -33.75 12.15 0.26
C GLN B 206 -34.20 11.23 -0.89
N ARG B 207 -33.31 10.96 -1.83
CA ARG B 207 -33.65 10.08 -2.96
C ARG B 207 -34.26 8.75 -2.52
N ILE B 208 -33.53 7.98 -1.74
CA ILE B 208 -34.03 6.69 -1.27
C ILE B 208 -35.31 6.82 -0.46
N ALA B 209 -35.45 7.90 0.28
CA ALA B 209 -36.64 8.12 1.11
C ALA B 209 -37.88 8.37 0.26
N GLN B 210 -37.69 9.09 -0.85
CA GLN B 210 -38.80 9.40 -1.74
C GLN B 210 -39.09 8.31 -2.76
N SER B 211 -38.49 7.13 -2.58
CA SER B 211 -38.70 6.06 -3.54
C SER B 211 -39.73 5.00 -3.09
N PHE B 212 -40.51 5.31 -2.07
CA PHE B 212 -41.53 4.39 -1.59
C PHE B 212 -42.70 5.17 -0.99
N PRO B 213 -43.84 4.49 -0.73
CA PRO B 213 -45.03 5.13 -0.16
C PRO B 213 -44.74 6.03 1.05
N GLN B 214 -44.86 7.34 0.88
CA GLN B 214 -44.58 8.27 1.97
C GLN B 214 -45.41 7.94 3.22
N ASN B 215 -46.62 7.41 3.04
CA ASN B 215 -47.45 7.07 4.19
C ASN B 215 -47.01 5.78 4.89
N TRP B 216 -45.84 5.29 4.52
CA TRP B 216 -45.27 4.10 5.13
C TRP B 216 -44.44 4.52 6.34
N LEU B 217 -43.93 5.74 6.28
CA LEU B 217 -43.08 6.29 7.34
C LEU B 217 -43.85 6.80 8.55
N LYS B 218 -43.42 6.33 9.73
CA LYS B 218 -44.00 6.74 10.99
C LYS B 218 -42.87 7.24 11.88
N LEU B 219 -42.68 8.55 11.90
CA LEU B 219 -41.63 9.17 12.69
C LEU B 219 -42.06 9.23 14.15
N SER B 220 -41.09 9.27 15.05
CA SER B 220 -41.36 9.31 16.47
C SER B 220 -42.05 8.07 17.05
N CYS B 221 -41.85 6.90 16.43
CA CYS B 221 -42.43 5.65 16.98
C CYS B 221 -41.23 4.91 17.55
N GLU B 222 -41.11 4.90 18.86
CA GLU B 222 -40.03 4.17 19.48
C GLU B 222 -40.56 2.77 19.70
N VAL B 223 -39.90 1.78 19.09
CA VAL B 223 -40.32 0.40 19.24
C VAL B 223 -39.77 -0.13 20.57
N LYS B 224 -40.65 -0.60 21.46
CA LYS B 224 -40.21 -1.09 22.76
C LYS B 224 -40.15 -2.61 22.91
N SER B 225 -40.81 -3.34 22.01
CA SER B 225 -40.77 -4.80 22.09
C SER B 225 -41.19 -5.53 20.82
N ILE B 226 -40.53 -6.65 20.54
CA ILE B 226 -40.83 -7.47 19.37
C ILE B 226 -41.09 -8.89 19.86
N THR B 227 -42.27 -9.42 19.58
CA THR B 227 -42.61 -10.77 20.02
C THR B 227 -42.89 -11.75 18.89
N ARG B 228 -42.22 -12.89 18.94
CA ARG B 228 -42.39 -13.92 17.93
C ARG B 228 -43.35 -15.01 18.38
N GLU B 229 -44.60 -14.89 17.95
CA GLU B 229 -45.60 -15.90 18.28
C GLU B 229 -45.64 -16.93 17.18
N PRO B 230 -45.33 -18.21 17.48
CA PRO B 230 -45.32 -19.30 16.49
C PRO B 230 -46.50 -19.31 15.51
N SER B 231 -47.51 -18.50 15.80
CA SER B 231 -48.71 -18.40 14.97
C SER B 231 -48.45 -17.93 13.53
N LYS B 232 -47.21 -17.58 13.21
CA LYS B 232 -46.89 -17.15 11.86
C LYS B 232 -46.88 -15.64 11.66
N ASN B 233 -46.66 -14.90 12.73
CA ASN B 233 -46.61 -13.45 12.64
C ASN B 233 -45.80 -12.86 13.78
N VAL B 234 -45.31 -11.64 13.58
CA VAL B 234 -44.54 -10.95 14.60
C VAL B 234 -45.31 -9.75 15.08
N THR B 235 -45.38 -9.58 16.40
CA THR B 235 -46.09 -8.46 16.98
C THR B 235 -45.10 -7.40 17.46
N VAL B 236 -45.31 -6.17 17.02
CA VAL B 236 -44.44 -5.06 17.38
C VAL B 236 -45.26 -4.00 18.14
N ASN B 237 -44.70 -3.50 19.23
CA ASN B 237 -45.37 -2.49 20.05
C ASN B 237 -44.60 -1.17 20.11
N CYS B 238 -45.17 -0.08 19.59
CA CYS B 238 -44.51 1.24 19.67
C CYS B 238 -44.71 1.75 21.10
N GLU B 239 -43.80 2.61 21.55
CA GLU B 239 -43.86 3.19 22.88
C GLU B 239 -45.16 3.96 23.12
N ASP B 240 -45.83 4.38 22.05
CA ASP B 240 -47.06 5.14 22.19
C ASP B 240 -48.33 4.30 22.31
N GLY B 241 -48.20 2.98 22.38
CA GLY B 241 -49.37 2.15 22.52
C GLY B 241 -49.86 1.41 21.28
N THR B 242 -49.53 1.91 20.08
CA THR B 242 -49.98 1.22 18.88
C THR B 242 -49.28 -0.13 18.78
N VAL B 243 -49.98 -1.13 18.27
CA VAL B 243 -49.43 -2.46 18.11
C VAL B 243 -49.61 -2.90 16.68
N TYR B 244 -48.67 -3.72 16.18
CA TYR B 244 -48.73 -4.20 14.81
C TYR B 244 -48.43 -5.68 14.71
N ASN B 245 -49.03 -6.31 13.70
CA ASN B 245 -48.80 -7.73 13.44
C ASN B 245 -48.22 -7.85 12.04
N ALA B 246 -46.95 -8.21 11.98
CA ALA B 246 -46.26 -8.34 10.70
C ALA B 246 -45.73 -9.73 10.43
N ASP B 247 -45.74 -10.11 9.16
CA ASP B 247 -45.24 -11.40 8.74
C ASP B 247 -43.74 -11.42 8.97
N TYR B 248 -43.08 -10.34 8.57
CA TYR B 248 -41.63 -10.20 8.73
C TYR B 248 -41.25 -8.84 9.28
N VAL B 249 -40.15 -8.80 10.02
CA VAL B 249 -39.69 -7.56 10.60
C VAL B 249 -38.19 -7.39 10.35
N ILE B 250 -37.80 -6.20 9.91
CA ILE B 250 -36.40 -5.90 9.64
C ILE B 250 -35.91 -4.86 10.63
N ILE B 251 -35.01 -5.27 11.52
CA ILE B 251 -34.47 -4.41 12.56
C ILE B 251 -33.13 -3.78 12.19
N THR B 252 -33.10 -2.44 12.07
CA THR B 252 -31.86 -1.76 11.70
C THR B 252 -31.30 -0.81 12.75
N VAL B 253 -31.76 -0.95 14.00
CA VAL B 253 -31.26 -0.11 15.08
C VAL B 253 -29.77 -0.40 15.18
N PRO B 254 -28.94 0.61 15.53
CA PRO B 254 -27.52 0.34 15.63
C PRO B 254 -27.16 -0.71 16.66
N GLN B 255 -26.09 -1.43 16.38
CA GLN B 255 -25.61 -2.49 17.26
C GLN B 255 -25.60 -2.09 18.74
N SER B 256 -25.20 -0.86 19.03
CA SER B 256 -25.13 -0.35 20.40
C SER B 256 -26.52 -0.32 21.04
N VAL B 257 -27.54 -0.04 20.24
CA VAL B 257 -28.88 0.01 20.75
C VAL B 257 -29.36 -1.42 20.98
N LEU B 258 -29.08 -2.28 20.00
CA LEU B 258 -29.47 -3.68 20.08
C LEU B 258 -28.83 -4.37 21.29
N ASN B 259 -27.59 -4.01 21.58
CA ASN B 259 -26.87 -4.59 22.72
C ASN B 259 -27.60 -4.33 24.04
N LEU B 260 -28.61 -3.44 24.02
CA LEU B 260 -29.37 -3.13 25.23
C LEU B 260 -30.34 -4.25 25.57
N SER B 261 -30.70 -5.04 24.56
CA SER B 261 -31.62 -6.15 24.77
C SER B 261 -31.07 -7.19 25.74
N VAL B 262 -29.79 -7.55 25.59
CA VAL B 262 -29.19 -8.56 26.46
C VAL B 262 -29.04 -8.11 27.91
N GLN B 263 -29.28 -6.83 28.17
CA GLN B 263 -29.17 -6.31 29.52
C GLN B 263 -30.55 -6.23 30.15
N PRO B 264 -30.61 -6.32 31.48
CA PRO B 264 -31.88 -6.26 32.17
C PRO B 264 -32.32 -4.83 32.46
N GLU B 265 -33.60 -4.66 32.78
CA GLU B 265 -34.11 -3.33 33.07
C GLU B 265 -34.47 -2.60 31.79
N LYS B 266 -35.43 -3.16 31.06
CA LYS B 266 -35.86 -2.58 29.80
C LYS B 266 -36.58 -1.25 29.95
N ASN B 267 -35.85 -0.24 30.41
CA ASN B 267 -36.40 1.10 30.60
C ASN B 267 -35.55 2.08 29.80
N LEU B 268 -34.34 1.65 29.44
CA LEU B 268 -33.43 2.46 28.66
C LEU B 268 -34.00 2.85 27.31
N ARG B 269 -33.79 4.11 26.94
CA ARG B 269 -34.28 4.66 25.68
C ARG B 269 -33.74 3.91 24.46
N GLY B 270 -34.65 3.47 23.60
CA GLY B 270 -34.27 2.75 22.41
C GLY B 270 -34.34 1.24 22.55
N ARG B 271 -34.04 0.74 23.74
CA ARG B 271 -34.04 -0.70 24.03
C ARG B 271 -35.32 -1.41 23.60
N ILE B 272 -35.17 -2.54 22.91
CA ILE B 272 -36.30 -3.33 22.46
C ILE B 272 -36.27 -4.70 23.15
N GLU B 273 -37.37 -5.03 23.84
CA GLU B 273 -37.51 -6.29 24.55
C GLU B 273 -37.91 -7.38 23.56
N PHE B 274 -37.08 -8.41 23.43
CA PHE B 274 -37.37 -9.49 22.51
C PHE B 274 -37.98 -10.70 23.21
N GLN B 275 -39.00 -11.27 22.59
CA GLN B 275 -39.69 -12.43 23.13
C GLN B 275 -40.07 -13.36 21.97
N PRO B 276 -39.44 -14.53 21.88
CA PRO B 276 -38.39 -15.01 22.81
C PRO B 276 -37.12 -14.19 22.71
N PRO B 277 -36.26 -14.26 23.74
CA PRO B 277 -35.01 -13.50 23.74
C PRO B 277 -34.09 -13.87 22.56
N LEU B 278 -33.20 -12.95 22.22
CA LEU B 278 -32.26 -13.18 21.12
C LEU B 278 -31.49 -14.45 21.44
N LYS B 279 -31.37 -15.34 20.46
CA LYS B 279 -30.66 -16.60 20.66
C LYS B 279 -29.20 -16.42 21.03
N PRO B 280 -28.65 -17.38 21.80
CA PRO B 280 -27.26 -17.40 22.28
C PRO B 280 -26.16 -17.00 21.29
N VAL B 281 -26.24 -17.46 20.05
CA VAL B 281 -25.20 -17.10 19.08
C VAL B 281 -25.16 -15.59 18.94
N ILE B 282 -26.33 -14.96 19.02
CA ILE B 282 -26.45 -13.51 18.91
C ILE B 282 -25.87 -12.84 20.15
N GLN B 283 -26.44 -13.14 21.32
CA GLN B 283 -25.98 -12.54 22.57
C GLN B 283 -24.48 -12.70 22.79
N ASP B 284 -23.94 -13.86 22.41
CA ASP B 284 -22.51 -14.09 22.58
C ASP B 284 -21.70 -13.22 21.63
N ALA B 285 -22.30 -12.88 20.49
CA ALA B 285 -21.61 -12.06 19.51
C ALA B 285 -21.26 -10.70 20.07
N PHE B 286 -22.11 -10.20 20.96
CA PHE B 286 -21.90 -8.89 21.59
C PHE B 286 -20.67 -8.90 22.48
N ASP B 287 -19.92 -10.00 22.48
CA ASP B 287 -18.71 -10.08 23.28
C ASP B 287 -17.50 -9.88 22.36
N LYS B 288 -17.78 -9.63 21.08
CA LYS B 288 -16.76 -9.35 20.08
C LYS B 288 -16.73 -7.83 19.95
N ILE B 289 -16.48 -7.17 21.10
CA ILE B 289 -16.43 -5.72 21.20
C ILE B 289 -17.44 -4.99 20.34
N HIS B 290 -17.18 -3.71 20.11
CA HIS B 290 -18.08 -2.95 19.27
C HIS B 290 -18.15 -1.48 19.60
N PHE B 291 -18.88 -0.75 18.77
CA PHE B 291 -19.10 0.68 18.91
C PHE B 291 -17.91 1.56 19.25
N GLY B 292 -17.44 2.31 18.25
CA GLY B 292 -16.36 3.26 18.45
C GLY B 292 -17.06 4.59 18.61
N ALA B 293 -16.32 5.68 18.73
CA ALA B 293 -16.97 6.98 18.90
C ALA B 293 -16.32 8.11 18.10
N LEU B 294 -16.35 7.99 16.78
CA LEU B 294 -15.79 9.05 15.94
C LEU B 294 -16.71 10.25 16.19
N GLY B 295 -16.10 11.41 16.43
CA GLY B 295 -16.88 12.61 16.66
C GLY B 295 -16.47 13.71 15.70
N LYS B 296 -17.22 14.80 15.66
CA LYS B 296 -16.89 15.91 14.76
C LYS B 296 -17.11 17.29 15.34
N VAL B 297 -16.25 18.22 14.96
CA VAL B 297 -16.36 19.60 15.37
C VAL B 297 -16.16 20.46 14.11
N ILE B 298 -17.12 21.32 13.81
CA ILE B 298 -17.02 22.18 12.64
C ILE B 298 -16.63 23.59 13.08
N PHE B 299 -15.57 24.14 12.48
CA PHE B 299 -15.13 25.50 12.78
C PHE B 299 -15.41 26.40 11.57
N GLU B 300 -16.34 27.32 11.75
CA GLU B 300 -16.77 28.26 10.71
C GLU B 300 -16.14 29.65 10.81
N PHE B 301 -15.24 29.96 9.87
CA PHE B 301 -14.58 31.27 9.86
C PHE B 301 -15.32 32.24 8.93
N GLU B 302 -15.05 33.52 9.07
CA GLU B 302 -15.71 34.52 8.22
C GLU B 302 -15.38 34.27 6.76
N GLU B 303 -14.10 34.14 6.47
CA GLU B 303 -13.62 33.90 5.12
C GLU B 303 -12.25 33.24 5.19
N CYS B 304 -11.81 32.68 4.08
CA CYS B 304 -10.50 32.03 4.05
C CYS B 304 -9.37 33.03 3.96
N CYS B 305 -8.40 32.91 4.86
CA CYS B 305 -7.26 33.79 4.81
C CYS B 305 -5.99 33.02 5.17
N TRP B 306 -5.99 31.75 4.77
CA TRP B 306 -4.87 30.85 5.00
C TRP B 306 -4.54 30.13 3.68
N SER B 307 -3.34 29.57 3.60
CA SER B 307 -2.93 28.86 2.40
C SER B 307 -3.71 27.57 2.21
N ASN B 308 -4.33 27.43 1.04
CA ASN B 308 -5.09 26.22 0.72
C ASN B 308 -4.15 25.19 0.08
N GLU B 309 -3.00 24.98 0.71
CA GLU B 309 -2.04 24.01 0.18
C GLU B 309 -2.63 22.60 0.10
N SER B 310 -3.31 22.18 1.17
CA SER B 310 -3.91 20.86 1.23
C SER B 310 -5.24 20.89 1.97
N SER B 311 -6.10 19.90 1.71
CA SER B 311 -7.39 19.84 2.37
C SER B 311 -7.37 18.91 3.58
N LYS B 312 -6.23 18.23 3.78
CA LYS B 312 -6.07 17.29 4.86
C LYS B 312 -4.93 17.69 5.79
N ILE B 313 -5.27 17.91 7.05
CA ILE B 313 -4.29 18.32 8.05
C ILE B 313 -4.45 17.49 9.33
N VAL B 314 -3.37 16.90 9.82
CA VAL B 314 -3.40 16.13 11.05
C VAL B 314 -2.43 16.72 12.06
N THR B 315 -2.92 17.04 13.25
CA THR B 315 -2.04 17.58 14.29
C THR B 315 -1.66 16.41 15.19
N LEU B 316 -0.35 16.25 15.42
CA LEU B 316 0.18 15.16 16.24
C LEU B 316 0.12 15.42 17.74
N ALA B 317 -0.11 14.38 18.52
CA ALA B 317 -0.16 14.51 19.96
C ALA B 317 1.29 14.81 20.36
N ASN B 318 1.51 15.46 21.50
CA ASN B 318 2.89 15.76 21.92
C ASN B 318 3.69 14.47 22.11
N SER B 319 5.00 14.58 21.89
CA SER B 319 5.90 13.44 22.03
C SER B 319 7.14 13.87 22.85
N THR B 320 7.90 12.91 23.37
CA THR B 320 9.10 13.23 24.17
C THR B 320 10.39 12.53 23.72
N ASN B 321 11.52 13.22 23.86
CA ASN B 321 12.81 12.65 23.49
C ASN B 321 13.11 11.57 24.51
N GLU B 322 12.53 11.73 25.68
CA GLU B 322 12.70 10.77 26.76
C GLU B 322 12.11 9.41 26.37
N PHE B 323 11.10 9.42 25.51
CA PHE B 323 10.48 8.18 25.06
C PHE B 323 11.49 7.43 24.21
N VAL B 324 12.21 8.17 23.37
CA VAL B 324 13.24 7.56 22.52
C VAL B 324 14.22 6.81 23.41
N GLU B 325 14.78 7.52 24.38
CA GLU B 325 15.75 6.94 25.29
C GLU B 325 15.26 5.59 25.82
N ILE B 326 14.00 5.55 26.23
CA ILE B 326 13.41 4.32 26.76
C ILE B 326 13.40 3.18 25.73
N VAL B 327 13.19 3.54 24.46
CA VAL B 327 13.16 2.54 23.40
C VAL B 327 14.57 2.04 23.10
N ARG B 328 15.53 2.96 23.19
CA ARG B 328 16.93 2.64 22.92
C ARG B 328 17.57 1.82 24.04
N ASN B 329 17.01 1.90 25.23
CA ASN B 329 17.56 1.18 26.39
C ASN B 329 16.82 -0.09 26.74
N ALA B 330 15.57 -0.21 26.29
CA ALA B 330 14.79 -1.40 26.59
C ALA B 330 15.48 -2.65 26.06
N GLU B 331 15.68 -3.62 26.94
CA GLU B 331 16.32 -4.88 26.56
C GLU B 331 15.32 -5.72 25.77
N ASN B 332 14.08 -5.73 26.22
CA ASN B 332 13.02 -6.49 25.55
C ASN B 332 11.66 -5.79 25.62
N LEU B 333 10.61 -6.49 25.23
CA LEU B 333 9.26 -5.93 25.23
C LEU B 333 8.73 -5.71 26.64
N ASP B 334 8.83 -6.75 27.47
CA ASP B 334 8.36 -6.67 28.86
C ASP B 334 9.04 -5.57 29.66
N GLU B 335 10.31 -5.33 29.38
CA GLU B 335 11.06 -4.29 30.06
C GLU B 335 10.59 -2.92 29.59
N LEU B 336 10.28 -2.81 28.30
CA LEU B 336 9.82 -1.55 27.72
C LEU B 336 8.39 -1.29 28.17
N ASP B 337 7.59 -2.35 28.22
CA ASP B 337 6.21 -2.22 28.63
C ASP B 337 6.08 -1.53 29.98
N SER B 338 6.92 -1.94 30.92
CA SER B 338 6.90 -1.39 32.27
C SER B 338 7.81 -0.17 32.41
N MET B 339 8.84 -0.10 31.57
CA MET B 339 9.76 1.01 31.60
C MET B 339 8.98 2.26 31.20
N LEU B 340 7.88 2.05 30.50
CA LEU B 340 7.01 3.14 30.07
C LEU B 340 6.10 3.50 31.22
N GLU B 341 6.70 3.77 32.37
CA GLU B 341 5.96 4.14 33.55
C GLU B 341 6.35 5.56 33.92
N ARG B 342 5.92 6.52 33.12
CA ARG B 342 6.21 7.92 33.37
C ARG B 342 5.04 8.52 34.15
N GLU B 343 5.30 8.95 35.38
CA GLU B 343 4.27 9.54 36.21
C GLU B 343 4.39 11.05 36.28
N THR B 349 -0.75 15.26 33.78
CA THR B 349 -2.20 15.07 33.80
C THR B 349 -2.89 16.13 32.95
N SER B 350 -4.23 16.07 32.90
CA SER B 350 -5.03 17.03 32.13
C SER B 350 -4.97 16.82 30.62
N VAL B 351 -6.14 16.67 30.02
CA VAL B 351 -6.28 16.48 28.59
C VAL B 351 -6.44 17.81 27.85
N THR B 352 -5.51 18.11 26.93
CA THR B 352 -5.59 19.33 26.13
C THR B 352 -5.70 18.95 24.66
N CYS B 353 -5.79 19.94 23.78
CA CYS B 353 -5.92 19.68 22.35
C CYS B 353 -4.70 18.97 21.79
N TRP B 354 -3.59 19.01 22.51
CA TRP B 354 -2.38 18.33 22.06
C TRP B 354 -2.20 16.93 22.68
N SER B 355 -3.23 16.44 23.37
CA SER B 355 -3.15 15.11 23.99
C SER B 355 -3.43 13.94 23.05
N GLN B 356 -4.05 14.23 21.90
CA GLN B 356 -4.39 13.20 20.93
C GLN B 356 -4.30 13.78 19.52
N PRO B 357 -4.15 12.90 18.51
CA PRO B 357 -4.07 13.42 17.15
C PRO B 357 -5.46 13.92 16.76
N LEU B 358 -5.50 14.97 15.94
CA LEU B 358 -6.75 15.54 15.48
C LEU B 358 -6.70 15.62 13.96
N PHE B 359 -7.82 15.33 13.31
CA PHE B 359 -7.87 15.33 11.86
C PHE B 359 -8.71 16.51 11.36
N PHE B 360 -8.06 17.45 10.70
CA PHE B 360 -8.75 18.63 10.18
C PHE B 360 -8.91 18.60 8.66
N VAL B 361 -10.16 18.63 8.20
CA VAL B 361 -10.42 18.69 6.77
C VAL B 361 -10.53 20.18 6.42
N ASN B 362 -9.56 20.72 5.70
CA ASN B 362 -9.65 22.14 5.30
C ASN B 362 -10.64 22.24 4.14
N LEU B 363 -11.90 22.51 4.46
CA LEU B 363 -12.93 22.59 3.42
C LEU B 363 -12.75 23.70 2.37
N SER B 364 -11.86 24.64 2.63
CA SER B 364 -11.67 25.72 1.68
C SER B 364 -11.17 25.25 0.31
N LYS B 365 -10.21 24.34 0.31
CA LYS B 365 -9.66 23.82 -0.95
C LYS B 365 -10.59 22.91 -1.74
N SER B 366 -11.25 21.98 -1.06
CA SER B 366 -12.14 21.04 -1.74
C SER B 366 -13.56 21.50 -2.06
N THR B 367 -14.11 22.40 -1.26
CA THR B 367 -15.49 22.85 -1.52
C THR B 367 -15.63 24.38 -1.55
N GLY B 368 -14.53 25.08 -1.33
CA GLY B 368 -14.57 26.54 -1.36
C GLY B 368 -15.30 27.17 -0.18
N VAL B 369 -15.48 26.39 0.88
CA VAL B 369 -16.16 26.91 2.07
C VAL B 369 -15.15 27.19 3.17
N ALA B 370 -15.19 28.41 3.70
CA ALA B 370 -14.27 28.87 4.73
C ALA B 370 -14.51 28.19 6.09
N SER B 371 -14.36 26.87 6.11
CA SER B 371 -14.55 26.11 7.34
C SER B 371 -13.60 24.91 7.44
N PHE B 372 -13.53 24.37 8.65
CA PHE B 372 -12.72 23.18 8.91
C PHE B 372 -13.62 22.14 9.54
N MET B 373 -13.57 20.92 9.04
CA MET B 373 -14.36 19.86 9.64
C MET B 373 -13.35 19.05 10.44
N MET B 374 -13.52 19.00 11.76
CA MET B 374 -12.60 18.25 12.61
C MET B 374 -13.16 16.94 13.13
N LEU B 375 -12.36 15.89 13.02
CA LEU B 375 -12.74 14.57 13.50
C LEU B 375 -11.95 14.25 14.77
N MET B 376 -12.62 13.61 15.73
CA MET B 376 -12.00 13.24 17.01
C MET B 376 -12.40 11.82 17.41
N GLN B 377 -11.67 11.26 18.37
CA GLN B 377 -11.90 9.90 18.82
C GLN B 377 -12.16 9.69 20.33
N ALA B 378 -12.56 8.50 20.72
CA ALA B 378 -12.78 8.19 22.13
C ALA B 378 -11.38 8.13 22.69
N PRO B 379 -11.16 8.55 23.95
CA PRO B 379 -12.11 9.07 24.94
C PRO B 379 -12.46 10.56 24.79
N LEU B 380 -11.69 11.29 23.98
CA LEU B 380 -11.95 12.71 23.80
C LEU B 380 -13.37 13.06 23.33
N THR B 381 -13.88 12.30 22.36
CA THR B 381 -15.20 12.56 21.79
C THR B 381 -16.32 12.88 22.77
N ASN B 382 -16.63 11.94 23.66
CA ASN B 382 -17.71 12.18 24.61
C ASN B 382 -17.50 13.42 25.47
N HIS B 383 -16.26 13.69 25.85
CA HIS B 383 -15.97 14.87 26.67
C HIS B 383 -16.29 16.18 25.92
N ILE B 384 -15.96 16.25 24.63
CA ILE B 384 -16.23 17.45 23.86
C ILE B 384 -17.73 17.58 23.55
N GLU B 385 -18.39 16.46 23.25
CA GLU B 385 -19.83 16.50 22.96
C GLU B 385 -20.59 16.89 24.23
N SER B 386 -19.98 16.65 25.39
CA SER B 386 -20.58 16.98 26.67
C SER B 386 -20.65 18.49 26.87
N ILE B 387 -19.74 19.23 26.27
CA ILE B 387 -19.75 20.68 26.39
C ILE B 387 -20.07 21.35 25.05
N ARG B 388 -20.81 20.64 24.19
CA ARG B 388 -21.14 21.14 22.86
C ARG B 388 -21.87 22.49 22.80
N GLU B 389 -22.57 22.87 23.88
CA GLU B 389 -23.29 24.14 23.89
C GLU B 389 -22.44 25.27 24.47
N ASP B 390 -21.24 24.94 24.95
CA ASP B 390 -20.37 25.94 25.55
C ASP B 390 -19.34 26.43 24.56
N LYS B 391 -19.79 27.20 23.59
CA LYS B 391 -18.93 27.70 22.54
C LYS B 391 -17.62 28.33 23.02
N GLU B 392 -17.67 29.13 24.08
CA GLU B 392 -16.45 29.77 24.57
C GLU B 392 -15.43 28.78 25.07
N ARG B 393 -15.87 27.76 25.81
CA ARG B 393 -14.94 26.76 26.34
C ARG B 393 -14.34 25.94 25.19
N LEU B 394 -15.19 25.57 24.24
CA LEU B 394 -14.73 24.82 23.09
C LEU B 394 -13.65 25.62 22.38
N PHE B 395 -13.86 26.92 22.25
CA PHE B 395 -12.85 27.74 21.59
C PHE B 395 -11.53 27.67 22.37
N SER B 396 -11.61 27.91 23.67
CA SER B 396 -10.40 27.88 24.51
C SER B 396 -9.67 26.54 24.40
N PHE B 397 -10.43 25.45 24.27
CA PHE B 397 -9.83 24.13 24.18
C PHE B 397 -9.00 23.89 22.91
N PHE B 398 -9.56 24.22 21.75
CA PHE B 398 -8.88 24.01 20.47
C PHE B 398 -8.07 25.19 19.97
N GLN B 399 -8.17 26.32 20.65
CA GLN B 399 -7.46 27.51 20.20
C GLN B 399 -5.99 27.30 19.86
N PRO B 400 -5.25 26.60 20.73
CA PRO B 400 -3.84 26.40 20.42
C PRO B 400 -3.52 25.53 19.20
N VAL B 401 -4.35 24.54 18.90
CA VAL B 401 -4.11 23.72 17.72
C VAL B 401 -4.50 24.55 16.50
N LEU B 402 -5.62 25.25 16.61
CA LEU B 402 -6.09 26.09 15.52
C LEU B 402 -5.02 27.11 15.17
N ASN B 403 -4.47 27.78 16.18
CA ASN B 403 -3.45 28.77 15.88
C ASN B 403 -2.23 28.14 15.25
N LYS B 404 -1.81 26.97 15.74
CA LYS B 404 -0.65 26.32 15.16
C LYS B 404 -0.89 26.02 13.68
N ILE B 405 -2.10 25.59 13.35
CA ILE B 405 -2.48 25.30 11.96
C ILE B 405 -2.41 26.58 11.12
N MET B 406 -2.98 27.68 11.62
CA MET B 406 -2.95 28.95 10.89
C MET B 406 -1.52 29.41 10.66
N LYS B 407 -0.68 29.22 11.68
CA LYS B 407 0.71 29.61 11.56
C LYS B 407 1.33 28.86 10.40
N CYS B 408 1.23 27.53 10.43
CA CYS B 408 1.81 26.68 9.39
C CYS B 408 1.24 26.95 8.00
N LEU B 409 0.05 27.54 7.94
CA LEU B 409 -0.60 27.83 6.68
C LEU B 409 -0.48 29.32 6.33
N ASP B 410 0.66 29.91 6.70
CA ASP B 410 0.95 31.31 6.44
C ASP B 410 -0.15 32.29 6.85
N SER B 411 -0.72 32.09 8.03
CA SER B 411 -1.77 32.98 8.53
C SER B 411 -1.49 33.37 9.98
N GLU B 412 -2.47 34.02 10.61
CA GLU B 412 -2.32 34.49 11.99
C GLU B 412 -3.24 33.79 12.97
N ASP B 413 -3.08 34.15 14.24
CA ASP B 413 -3.87 33.59 15.34
C ASP B 413 -5.35 33.88 15.15
N VAL B 414 -6.19 32.95 15.58
CA VAL B 414 -7.63 33.07 15.45
C VAL B 414 -8.30 34.05 16.41
N ILE B 415 -9.22 34.86 15.88
CA ILE B 415 -9.96 35.82 16.68
C ILE B 415 -11.36 35.26 16.92
N ASP B 416 -11.82 35.36 18.17
CA ASP B 416 -13.14 34.88 18.52
C ASP B 416 -14.19 35.90 18.13
N GLY B 417 -14.91 35.61 17.05
CA GLY B 417 -15.95 36.53 16.60
C GLY B 417 -17.29 35.83 16.56
N MET B 418 -17.56 34.95 17.52
CA MET B 418 -18.81 34.22 17.56
C MET B 418 -19.95 35.06 18.12
N ARG B 419 -19.60 36.19 18.71
CA ARG B 419 -20.59 37.10 19.27
C ARG B 419 -20.51 38.41 18.49
N PRO B 420 -21.66 38.95 18.07
CA PRO B 420 -21.77 40.20 17.30
C PRO B 420 -20.96 41.39 17.82
N ILE B 421 -19.77 41.56 17.27
CA ILE B 421 -18.85 42.65 17.61
C ILE B 421 -17.99 42.91 16.38
N GLU B 422 -18.63 43.44 15.33
CA GLU B 422 -17.97 43.73 14.06
C GLU B 422 -16.81 44.73 14.17
N ASN B 423 -15.71 44.41 13.52
CA ASN B 423 -14.50 45.25 13.51
C ASN B 423 -13.71 44.98 12.23
N ILE B 424 -13.29 46.05 11.56
CA ILE B 424 -12.55 45.91 10.31
C ILE B 424 -11.04 45.96 10.45
N ALA B 425 -10.54 46.08 11.67
CA ALA B 425 -9.10 46.12 11.91
C ALA B 425 -8.53 44.71 11.80
N ASN B 426 -9.42 43.74 11.67
CA ASN B 426 -9.05 42.33 11.56
C ASN B 426 -9.44 41.76 10.20
N ALA B 427 -8.95 42.39 9.13
CA ALA B 427 -9.26 41.93 7.80
C ALA B 427 -8.21 40.95 7.28
N ASN B 428 -7.11 40.84 8.02
CA ASN B 428 -6.03 39.93 7.66
C ASN B 428 -5.81 38.86 8.73
N LYS B 429 -6.83 38.64 9.56
CA LYS B 429 -6.76 37.62 10.61
C LYS B 429 -8.00 36.73 10.55
N PRO B 430 -7.82 35.40 10.64
CA PRO B 430 -8.95 34.49 10.60
C PRO B 430 -9.93 34.74 11.75
N VAL B 431 -11.21 34.87 11.42
CA VAL B 431 -12.25 35.14 12.41
C VAL B 431 -13.22 33.98 12.55
N LEU B 432 -13.24 33.34 13.72
CA LEU B 432 -14.13 32.22 13.99
C LEU B 432 -15.53 32.77 14.20
N ARG B 433 -16.51 32.27 13.44
CA ARG B 433 -17.86 32.79 13.61
C ARG B 433 -18.79 31.82 14.32
N ASN B 434 -18.47 30.54 14.27
CA ASN B 434 -19.34 29.55 14.89
C ASN B 434 -18.67 28.19 15.04
N ILE B 435 -19.17 27.39 15.98
CA ILE B 435 -18.66 26.04 16.21
C ILE B 435 -19.84 25.08 16.30
N ILE B 436 -19.76 23.96 15.58
CA ILE B 436 -20.84 22.98 15.61
C ILE B 436 -20.24 21.66 16.02
N VAL B 437 -20.86 21.01 16.99
CA VAL B 437 -20.35 19.73 17.46
C VAL B 437 -21.36 18.61 17.30
N SER B 438 -20.87 17.41 17.01
CA SER B 438 -21.75 16.25 16.88
C SER B 438 -22.32 15.91 18.25
N ASN B 439 -23.10 14.84 18.33
CA ASN B 439 -23.71 14.45 19.60
C ASN B 439 -24.08 12.96 19.60
N TRP B 440 -23.35 12.18 18.82
CA TRP B 440 -23.62 10.76 18.67
C TRP B 440 -23.42 9.89 19.92
N THR B 441 -22.48 10.24 20.78
CA THR B 441 -22.27 9.44 22.00
C THR B 441 -23.37 9.65 23.03
N ARG B 442 -24.00 10.83 22.99
CA ARG B 442 -25.06 11.17 23.94
C ARG B 442 -26.49 10.96 23.41
N ASP B 443 -26.62 10.75 22.10
CA ASP B 443 -27.93 10.52 21.50
C ASP B 443 -28.28 9.06 21.84
N PRO B 444 -29.40 8.84 22.53
CA PRO B 444 -29.81 7.47 22.90
C PRO B 444 -30.09 6.53 21.73
N TYR B 445 -30.38 7.10 20.56
CA TYR B 445 -30.68 6.29 19.40
C TYR B 445 -29.48 5.89 18.56
N SER B 446 -28.28 6.25 19.01
CA SER B 446 -27.05 5.89 18.33
C SER B 446 -25.98 5.40 19.31
N ARG B 447 -25.92 6.04 20.48
CA ARG B 447 -24.93 5.65 21.50
C ARG B 447 -23.59 5.32 20.90
N GLY B 448 -23.05 6.24 20.11
CA GLY B 448 -21.76 6.00 19.50
C GLY B 448 -21.77 6.24 18.01
N ALA B 449 -20.64 5.93 17.36
CA ALA B 449 -20.51 6.13 15.94
C ALA B 449 -20.80 4.92 15.07
N TYR B 450 -20.03 3.87 15.25
CA TYR B 450 -20.22 2.66 14.46
C TYR B 450 -19.37 1.53 15.00
N SER B 451 -19.59 0.33 14.46
CA SER B 451 -18.85 -0.86 14.86
C SER B 451 -17.37 -0.59 14.96
N ALA B 452 -16.71 -1.25 15.93
CA ALA B 452 -15.27 -1.11 16.13
C ALA B 452 -14.79 -2.28 16.98
N CYS B 453 -13.51 -2.62 16.87
CA CYS B 453 -12.94 -3.74 17.61
C CYS B 453 -11.97 -3.38 18.73
N PHE B 454 -12.19 -3.95 19.90
CA PHE B 454 -11.30 -3.76 21.05
C PHE B 454 -10.35 -4.94 20.89
N PRO B 455 -9.12 -4.83 21.43
CA PRO B 455 -8.24 -6.00 21.27
C PRO B 455 -8.88 -7.31 21.74
N GLY B 456 -8.77 -8.34 20.91
CA GLY B 456 -9.34 -9.63 21.24
C GLY B 456 -10.65 -9.92 20.54
N ASP B 457 -11.19 -8.94 19.83
CA ASP B 457 -12.45 -9.15 19.14
C ASP B 457 -12.33 -9.80 17.77
N ASP B 458 -13.48 -10.20 17.25
CA ASP B 458 -13.62 -10.81 15.93
C ASP B 458 -15.01 -10.49 15.43
N PRO B 459 -15.12 -9.49 14.54
CA PRO B 459 -16.38 -9.02 13.93
C PRO B 459 -17.18 -10.03 13.12
N VAL B 460 -16.51 -11.03 12.56
CA VAL B 460 -17.21 -12.03 11.75
C VAL B 460 -18.46 -12.56 12.46
N ASP B 461 -18.31 -12.93 13.72
CA ASP B 461 -19.41 -13.45 14.51
C ASP B 461 -20.70 -12.63 14.43
N MET B 462 -20.61 -11.35 14.73
CA MET B 462 -21.78 -10.49 14.69
C MET B 462 -22.37 -10.46 13.28
N VAL B 463 -21.51 -10.31 12.27
CA VAL B 463 -21.97 -10.26 10.89
C VAL B 463 -22.72 -11.53 10.51
N VAL B 464 -22.15 -12.68 10.83
CA VAL B 464 -22.79 -13.95 10.49
C VAL B 464 -24.09 -14.14 11.27
N ALA B 465 -24.05 -13.86 12.57
CA ALA B 465 -25.22 -14.01 13.42
C ALA B 465 -26.35 -13.06 13.02
N MET B 466 -25.99 -11.81 12.72
CA MET B 466 -26.96 -10.81 12.32
C MET B 466 -27.57 -11.18 10.97
N SER B 467 -26.70 -11.59 10.05
CA SER B 467 -27.11 -11.97 8.70
C SER B 467 -27.98 -13.23 8.68
N ASN B 468 -27.80 -14.09 9.68
CA ASN B 468 -28.57 -15.34 9.77
C ASN B 468 -29.92 -15.08 10.41
N GLY B 469 -30.11 -13.86 10.94
CA GLY B 469 -31.37 -13.49 11.55
C GLY B 469 -31.71 -14.15 12.87
N GLN B 470 -32.69 -13.59 13.59
CA GLN B 470 -33.13 -14.15 14.85
C GLN B 470 -33.80 -15.47 14.47
N ASP B 471 -34.47 -15.43 13.31
CA ASP B 471 -35.17 -16.58 12.75
C ASP B 471 -35.72 -16.17 11.38
N SER B 472 -36.52 -17.03 10.77
CA SER B 472 -37.05 -16.73 9.45
C SER B 472 -37.86 -15.45 9.36
N ARG B 473 -38.32 -14.92 10.48
CA ARG B 473 -39.14 -13.71 10.50
C ARG B 473 -38.48 -12.45 11.04
N ILE B 474 -37.65 -12.60 12.07
CA ILE B 474 -36.96 -11.45 12.66
C ILE B 474 -35.56 -11.34 12.03
N ARG B 475 -35.40 -10.35 11.14
CA ARG B 475 -34.11 -10.14 10.46
C ARG B 475 -33.37 -8.88 10.94
N PHE B 476 -32.10 -8.78 10.58
CA PHE B 476 -31.30 -7.64 10.96
C PHE B 476 -30.57 -6.98 9.78
N ALA B 477 -30.60 -5.65 9.76
CA ALA B 477 -29.93 -4.86 8.71
C ALA B 477 -29.19 -3.72 9.37
N GLY B 478 -28.16 -3.20 8.72
CA GLY B 478 -27.38 -2.11 9.27
C GLY B 478 -25.90 -2.30 9.05
N GLU B 479 -25.12 -1.23 9.27
CA GLU B 479 -23.68 -1.26 9.09
C GLU B 479 -22.95 -2.37 9.87
N HIS B 480 -23.61 -2.94 10.85
CA HIS B 480 -22.98 -3.97 11.68
C HIS B 480 -23.42 -5.36 11.28
N THR B 481 -24.20 -5.46 10.21
CA THR B 481 -24.70 -6.76 9.78
C THR B 481 -24.11 -7.29 8.48
N ILE B 482 -22.97 -6.76 8.05
CA ILE B 482 -22.40 -7.21 6.78
C ILE B 482 -20.88 -7.11 6.72
N MET B 483 -20.29 -7.86 5.80
CA MET B 483 -18.83 -7.91 5.63
C MET B 483 -18.30 -6.80 4.73
N ASP B 484 -18.71 -6.78 3.46
CA ASP B 484 -18.24 -5.73 2.56
C ASP B 484 -18.91 -4.43 2.94
N GLY B 485 -18.10 -3.46 3.36
CA GLY B 485 -18.63 -2.16 3.75
C GLY B 485 -18.95 -2.06 5.23
N ALA B 486 -18.48 -3.02 6.01
CA ALA B 486 -18.72 -3.01 7.45
C ALA B 486 -18.44 -1.63 8.02
N GLY B 487 -19.41 -1.10 8.76
CA GLY B 487 -19.27 0.19 9.38
C GLY B 487 -19.45 1.39 8.48
N CYS B 488 -19.70 1.15 7.19
CA CYS B 488 -19.86 2.22 6.21
C CYS B 488 -21.31 2.42 5.77
N ALA B 489 -21.56 3.56 5.14
CA ALA B 489 -22.89 3.86 4.64
C ALA B 489 -23.32 2.85 3.61
N TYR B 490 -22.41 2.43 2.72
CA TYR B 490 -22.82 1.48 1.70
C TYR B 490 -23.00 0.05 2.22
N GLY B 491 -22.34 -0.28 3.33
CA GLY B 491 -22.54 -1.61 3.88
C GLY B 491 -23.96 -1.65 4.38
N ALA B 492 -24.31 -0.65 5.20
CA ALA B 492 -25.65 -0.55 5.76
C ALA B 492 -26.68 -0.55 4.63
N TRP B 493 -26.39 0.23 3.59
CA TRP B 493 -27.27 0.34 2.42
C TRP B 493 -27.46 -1.00 1.74
N GLU B 494 -26.37 -1.76 1.63
CA GLU B 494 -26.42 -3.08 0.99
C GLU B 494 -27.12 -4.10 1.88
N SER B 495 -27.00 -3.93 3.19
CA SER B 495 -27.63 -4.85 4.12
C SER B 495 -29.14 -4.68 4.05
N GLY B 496 -29.57 -3.47 3.67
CA GLY B 496 -30.99 -3.19 3.57
C GLY B 496 -31.59 -3.91 2.38
N ARG B 497 -30.88 -3.86 1.24
CA ARG B 497 -31.35 -4.53 0.02
C ARG B 497 -31.34 -6.04 0.22
N ARG B 498 -30.38 -6.53 0.99
CA ARG B 498 -30.25 -7.96 1.26
C ARG B 498 -31.50 -8.55 1.92
N GLU B 499 -31.84 -8.07 3.12
CA GLU B 499 -33.00 -8.57 3.83
C GLU B 499 -34.26 -8.33 3.03
N ALA B 500 -34.31 -7.19 2.34
CA ALA B 500 -35.47 -6.85 1.53
C ALA B 500 -35.65 -7.86 0.40
N THR B 501 -34.55 -8.19 -0.27
CA THR B 501 -34.60 -9.15 -1.36
C THR B 501 -35.10 -10.50 -0.87
N ARG B 502 -34.50 -11.01 0.20
CA ARG B 502 -34.89 -12.29 0.79
C ARG B 502 -36.39 -12.34 1.08
N ILE B 503 -36.92 -11.27 1.66
CA ILE B 503 -38.33 -11.20 1.99
C ILE B 503 -39.18 -10.96 0.76
N SER B 504 -38.72 -10.08 -0.12
CA SER B 504 -39.46 -9.78 -1.35
C SER B 504 -39.94 -11.03 -2.07
N ASP B 505 -39.01 -11.93 -2.34
CA ASP B 505 -39.33 -13.17 -3.04
C ASP B 505 -40.27 -14.08 -2.24
N LEU B 506 -39.88 -14.38 -1.00
CA LEU B 506 -40.67 -15.26 -0.13
C LEU B 506 -42.15 -14.90 -0.09
N LEU B 507 -42.47 -13.64 -0.39
CA LEU B 507 -43.86 -13.17 -0.38
C LEU B 507 -44.53 -13.26 -1.74
N LYS B 508 -44.04 -12.45 -2.67
CA LYS B 508 -44.58 -12.38 -4.02
C LYS B 508 -44.71 -13.76 -4.68
N LEU B 509 -43.73 -14.62 -4.43
CA LEU B 509 -43.76 -15.97 -5.01
C LEU B 509 -45.02 -16.73 -4.56
N GLU B 510 -45.31 -16.68 -3.26
CA GLU B 510 -46.49 -17.37 -2.74
C GLU B 510 -47.70 -16.92 -3.56
N HIS B 511 -48.15 -15.69 -3.27
CA HIS B 511 -49.30 -15.15 -3.98
C HIS B 511 -48.89 -14.29 -5.17
#